data_3HIE
#
_entry.id   3HIE
#
_cell.length_a   40.697
_cell.length_b   68.486
_cell.length_c   68.036
_cell.angle_alpha   89.90
_cell.angle_beta   82.17
_cell.angle_gamma   71.79
#
_symmetry.space_group_name_H-M   'P 1'
#
loop_
_entity.id
_entity.type
_entity.pdbx_description
1 polymer 'Exocyst complex component SEC3'
2 non-polymer 'PHOSPHATE ION'
3 water water
#
_entity_poly.entity_id   1
_entity_poly.type   'polypeptide(L)'
_entity_poly.pdbx_seq_one_letter_code
;SSQTSNFLAEQYERDRKAIINCCFSRPDHKTGEPPNNYITHVRIIEDSKFPSSRPPPDSKLENKKKRLLILSAKPNNAKL
IQIHKARENSDGSFQIGRTWQLTELVRVEKDLEISEGFILT(MSE)SKKYYWETNSAKERTVFIKSLITLYIQTFEGHVP
ELVNWDLSLFYLDER
;
_entity_poly.pdbx_strand_id   A,B,C,D
#
loop_
_chem_comp.id
_chem_comp.type
_chem_comp.name
_chem_comp.formula
PO4 non-polymer 'PHOSPHATE ION' 'O4 P -3'
#
# COMPACT_ATOMS: atom_id res chain seq x y z
N SER A 5 17.78 47.21 -13.32
CA SER A 5 18.65 46.93 -12.20
C SER A 5 18.30 47.84 -11.04
N ASN A 6 18.76 49.07 -11.13
CA ASN A 6 18.37 50.07 -10.18
C ASN A 6 16.99 50.58 -10.54
N PHE A 7 16.66 50.54 -11.82
CA PHE A 7 15.36 50.97 -12.25
C PHE A 7 14.34 50.01 -11.73
N LEU A 8 14.67 48.75 -11.72
CA LEU A 8 13.72 47.74 -11.34
C LEU A 8 13.38 47.85 -9.88
N ALA A 9 14.38 48.02 -9.06
CA ALA A 9 14.19 48.06 -7.63
C ALA A 9 13.33 49.25 -7.27
N GLU A 10 13.61 50.37 -7.91
CA GLU A 10 12.87 51.61 -7.71
C GLU A 10 11.44 51.47 -8.21
N GLN A 11 11.24 50.80 -9.34
CA GLN A 11 9.90 50.52 -9.82
C GLN A 11 9.19 49.62 -8.84
N TYR A 12 9.93 48.71 -8.24
CA TYR A 12 9.37 47.74 -7.33
C TYR A 12 8.86 48.35 -6.02
N GLU A 13 9.61 49.29 -5.47
CA GLU A 13 9.19 49.99 -4.26
C GLU A 13 8.00 50.87 -4.52
N ARG A 14 7.97 51.49 -5.68
CA ARG A 14 6.87 52.30 -6.11
C ARG A 14 5.59 51.51 -6.21
N ASP A 15 5.65 50.39 -6.91
CA ASP A 15 4.52 49.52 -7.05
C ASP A 15 4.07 49.00 -5.70
N ARG A 16 5.00 48.60 -4.87
CA ARG A 16 4.66 48.06 -3.58
C ARG A 16 3.85 49.02 -2.75
N LYS A 17 4.31 50.24 -2.64
CA LYS A 17 3.62 51.24 -1.85
C LYS A 17 2.22 51.49 -2.39
N ALA A 18 2.09 51.60 -3.70
CA ALA A 18 0.81 51.84 -4.29
C ALA A 18 -0.14 50.69 -4.07
N ILE A 19 0.38 49.48 -4.15
CA ILE A 19 -0.41 48.30 -3.96
C ILE A 19 -0.96 48.19 -2.55
N ILE A 20 -0.12 48.41 -1.56
CA ILE A 20 -0.53 48.42 -0.18
C ILE A 20 -1.61 49.47 0.07
N ASN A 21 -1.37 50.68 -0.40
CA ASN A 21 -2.33 51.76 -0.28
C ASN A 21 -3.67 51.39 -0.85
N CYS A 22 -3.69 50.93 -2.09
CA CYS A 22 -4.94 50.69 -2.76
C CYS A 22 -5.65 49.46 -2.27
N CYS A 23 -4.95 48.44 -1.83
CA CYS A 23 -5.61 47.18 -1.59
C CYS A 23 -5.39 46.50 -0.26
N PHE A 24 -4.40 46.93 0.51
CA PHE A 24 -4.08 46.25 1.76
C PHE A 24 -3.94 47.20 2.96
N SER A 25 -4.74 48.24 2.92
CA SER A 25 -4.73 49.18 4.06
CA SER A 25 -4.75 49.30 3.91
C SER A 25 -6.09 49.45 4.57
N ARG A 26 -7.13 49.39 3.78
CA ARG A 26 -8.47 49.59 4.28
C ARG A 26 -9.17 48.27 4.46
N PRO A 27 -10.33 48.28 5.08
CA PRO A 27 -10.92 47.06 5.62
C PRO A 27 -11.68 46.14 4.71
N GLY A 32 -14.38 43.77 3.83
CA GLY A 32 -15.19 43.94 5.03
C GLY A 32 -14.43 43.89 6.35
N GLU A 33 -13.53 42.92 6.49
CA GLU A 33 -12.75 42.83 7.71
C GLU A 33 -11.41 43.45 7.47
N PRO A 34 -10.57 43.47 8.49
CA PRO A 34 -9.23 44.04 8.36
C PRO A 34 -8.60 43.54 7.07
N PRO A 35 -7.80 44.38 6.42
CA PRO A 35 -7.16 44.00 5.17
C PRO A 35 -6.12 42.90 5.33
N ASN A 36 -5.77 42.23 4.24
CA ASN A 36 -4.70 41.27 4.28
C ASN A 36 -3.38 42.00 4.44
N ASN A 37 -2.32 41.30 4.80
CA ASN A 37 -1.00 41.86 4.79
C ASN A 37 -0.28 41.51 3.49
N TYR A 38 0.21 42.52 2.80
CA TYR A 38 0.97 42.31 1.58
C TYR A 38 2.25 41.55 1.89
N ILE A 39 2.67 40.70 0.98
CA ILE A 39 3.93 39.99 1.06
C ILE A 39 4.86 40.37 -0.06
N THR A 40 4.37 40.23 -1.28
CA THR A 40 5.16 40.53 -2.46
C THR A 40 4.31 40.60 -3.74
N HIS A 41 4.93 41.01 -4.83
CA HIS A 41 4.26 41.07 -6.11
C HIS A 41 5.22 40.93 -7.29
N VAL A 42 4.67 40.73 -8.47
CA VAL A 42 5.42 40.84 -9.71
C VAL A 42 4.58 41.40 -10.83
N ARG A 43 5.20 42.14 -11.74
CA ARG A 43 4.51 42.63 -12.93
C ARG A 43 4.49 41.50 -13.95
N ILE A 44 3.34 41.29 -14.56
CA ILE A 44 3.18 40.24 -15.57
C ILE A 44 2.53 40.72 -16.87
N ILE A 45 2.73 39.98 -17.93
CA ILE A 45 2.04 40.20 -19.15
C ILE A 45 1.10 39.06 -19.40
N GLU A 46 -0.14 39.37 -19.68
CA GLU A 46 -1.15 38.35 -19.94
C GLU A 46 -1.62 38.45 -21.39
N ASP A 47 -1.72 37.33 -22.05
CA ASP A 47 -2.20 37.32 -23.42
C ASP A 47 -3.66 36.87 -23.44
N SER A 48 -4.55 37.78 -23.78
CA SER A 48 -5.96 37.42 -23.65
CA SER A 48 -5.97 37.52 -23.77
C SER A 48 -6.44 36.40 -24.67
N LYS A 49 -5.74 36.25 -25.76
CA LYS A 49 -6.08 35.21 -26.72
C LYS A 49 -5.46 33.90 -26.28
N PHE A 50 -4.34 33.99 -25.59
CA PHE A 50 -3.64 32.83 -25.09
C PHE A 50 -3.33 32.89 -23.60
N PRO A 51 -4.33 32.66 -22.78
CA PRO A 51 -4.20 32.84 -21.36
C PRO A 51 -3.72 31.61 -20.64
N SER A 52 -3.81 30.46 -21.28
CA SER A 52 -3.51 29.21 -20.63
C SER A 52 -2.40 28.39 -21.25
N SER A 53 -1.72 28.93 -22.25
CA SER A 53 -0.60 28.28 -22.87
C SER A 53 0.34 29.28 -23.48
N ARG A 54 1.47 28.84 -23.98
CA ARG A 54 2.45 29.72 -24.58
C ARG A 54 1.89 30.42 -25.80
N PRO A 55 1.86 31.73 -25.80
CA PRO A 55 1.38 32.45 -26.96
C PRO A 55 2.32 32.27 -28.11
N PRO A 56 1.80 32.22 -29.33
CA PRO A 56 2.64 32.29 -30.51
C PRO A 56 3.53 33.51 -30.41
N PRO A 57 4.76 33.39 -30.81
CA PRO A 57 5.68 34.51 -30.73
C PRO A 57 5.21 35.66 -31.58
N ASP A 58 4.22 35.34 -32.42
CA ASP A 58 3.56 36.18 -33.39
CA ASP A 58 3.70 36.43 -33.33
C ASP A 58 2.39 36.97 -32.85
N SER A 59 1.96 36.66 -31.63
CA SER A 59 0.71 37.18 -31.14
C SER A 59 0.74 38.69 -31.15
N LYS A 60 -0.32 39.29 -31.63
CA LYS A 60 -0.37 40.72 -31.78
C LYS A 60 -0.36 41.51 -30.49
N LEU A 61 0.29 42.65 -30.51
CA LEU A 61 0.43 43.47 -29.33
C LEU A 61 -0.88 43.73 -28.63
N GLU A 62 -1.96 43.78 -29.38
CA GLU A 62 -3.26 44.08 -28.80
C GLU A 62 -3.79 42.98 -27.87
N ASN A 63 -3.18 41.81 -27.95
CA ASN A 63 -3.53 40.71 -27.07
C ASN A 63 -2.87 40.84 -25.70
N LYS A 64 -1.80 41.62 -25.63
CA LYS A 64 -0.99 41.69 -24.45
C LYS A 64 -1.47 42.72 -23.45
N LYS A 65 -1.83 42.26 -22.26
CA LYS A 65 -2.35 43.11 -21.21
C LYS A 65 -1.40 43.15 -20.03
N LYS A 66 -1.18 44.34 -19.47
CA LYS A 66 -0.36 44.50 -18.29
C LYS A 66 -1.11 44.20 -17.01
N ARG A 67 -0.56 43.34 -16.18
CA ARG A 67 -1.16 42.98 -14.92
C ARG A 67 -0.15 42.89 -13.81
N LEU A 68 -0.57 42.44 -12.65
CA LEU A 68 0.33 42.15 -11.55
C LEU A 68 -0.16 40.94 -10.79
N LEU A 69 0.77 40.21 -10.23
CA LEU A 69 0.43 39.15 -9.33
C LEU A 69 0.88 39.57 -7.96
N ILE A 70 0.03 39.38 -6.98
CA ILE A 70 0.32 39.75 -5.62
C ILE A 70 0.07 38.58 -4.68
N LEU A 71 0.96 38.43 -3.72
CA LEU A 71 0.77 37.49 -2.65
C LEU A 71 0.55 38.21 -1.32
N SER A 72 -0.43 37.75 -0.57
CA SER A 72 -0.81 38.36 0.69
C SER A 72 -1.21 37.30 1.69
N ALA A 73 -1.29 37.68 2.95
CA ALA A 73 -1.66 36.78 4.02
C ALA A 73 -2.72 37.37 4.90
N LYS A 74 -3.62 36.53 5.34
CA LYS A 74 -4.67 36.87 6.28
C LYS A 74 -4.07 37.46 7.53
N PRO A 75 -4.64 38.56 7.99
CA PRO A 75 -4.10 39.31 9.12
C PRO A 75 -3.91 38.48 10.38
N ASN A 76 -4.77 37.49 10.58
CA ASN A 76 -4.73 36.63 11.75
C ASN A 76 -3.79 35.42 11.64
N ASN A 77 -3.55 34.97 10.42
CA ASN A 77 -2.79 33.79 10.18
C ASN A 77 -1.83 33.95 9.04
N ALA A 78 -0.58 34.16 9.35
CA ALA A 78 0.43 34.39 8.36
C ALA A 78 0.64 33.22 7.45
N LYS A 79 -0.03 32.11 7.73
CA LYS A 79 0.14 30.88 6.98
C LYS A 79 -1.04 30.62 6.08
N LEU A 80 -1.97 31.54 6.02
CA LEU A 80 -3.08 31.46 5.10
C LEU A 80 -2.86 32.49 4.04
N ILE A 81 -2.40 32.05 2.89
CA ILE A 81 -1.97 32.92 1.85
C ILE A 81 -2.94 33.00 0.70
N GLN A 82 -3.03 34.16 0.08
CA GLN A 82 -3.84 34.33 -1.11
C GLN A 82 -3.01 34.88 -2.27
N ILE A 83 -3.43 34.56 -3.48
CA ILE A 83 -2.84 35.09 -4.66
C ILE A 83 -3.85 36.02 -5.30
N HIS A 84 -3.42 37.19 -5.73
CA HIS A 84 -4.31 38.13 -6.40
C HIS A 84 -3.78 38.50 -7.75
N LYS A 85 -4.65 38.72 -8.70
CA LYS A 85 -4.29 39.37 -9.94
C LYS A 85 -4.82 40.79 -9.90
N ALA A 86 -4.00 41.73 -10.32
CA ALA A 86 -4.39 43.11 -10.30
C ALA A 86 -3.96 43.86 -11.54
N ARG A 87 -4.39 45.11 -11.66
CA ARG A 87 -4.02 45.95 -12.79
C ARG A 87 -3.94 47.43 -12.43
N GLU A 88 -2.92 48.12 -12.93
CA GLU A 88 -2.78 49.53 -12.70
C GLU A 88 -3.64 50.30 -13.66
N ASN A 89 -4.48 51.15 -13.12
CA ASN A 89 -5.36 51.93 -13.95
C ASN A 89 -4.67 53.12 -14.58
N SER A 90 -5.26 53.60 -15.68
CA SER A 90 -4.73 54.75 -16.40
C SER A 90 -4.53 55.93 -15.47
N ASP A 91 -5.34 56.01 -14.42
CA ASP A 91 -5.20 57.12 -13.50
C ASP A 91 -4.08 56.91 -12.51
N GLY A 92 -3.55 55.71 -12.44
CA GLY A 92 -2.47 55.45 -11.50
C GLY A 92 -2.88 54.70 -10.26
N SER A 93 -4.16 54.39 -10.15
CA SER A 93 -4.66 53.57 -9.06
C SER A 93 -4.54 52.11 -9.47
N PHE A 94 -4.55 51.22 -8.48
CA PHE A 94 -4.48 49.80 -8.72
C PHE A 94 -5.77 49.15 -8.27
N GLN A 95 -6.13 48.02 -8.84
CA GLN A 95 -7.30 47.31 -8.39
C GLN A 95 -7.20 45.81 -8.61
N ILE A 96 -7.72 45.04 -7.68
CA ILE A 96 -7.63 43.60 -7.75
C ILE A 96 -8.81 43.01 -8.49
N GLY A 97 -8.52 42.20 -9.48
CA GLY A 97 -9.55 41.60 -10.29
C GLY A 97 -9.82 40.13 -10.08
N ARG A 98 -8.97 39.45 -9.33
CA ARG A 98 -9.09 38.01 -9.15
C ARG A 98 -8.33 37.56 -7.94
N THR A 99 -8.88 36.62 -7.20
CA THR A 99 -8.24 36.07 -6.03
C THR A 99 -8.33 34.54 -5.99
N TRP A 100 -7.23 33.91 -5.63
CA TRP A 100 -7.18 32.49 -5.37
C TRP A 100 -6.61 32.21 -4.00
N GLN A 101 -7.02 31.14 -3.37
CA GLN A 101 -6.31 30.68 -2.19
C GLN A 101 -5.07 29.95 -2.65
N LEU A 102 -3.99 30.12 -1.91
CA LEU A 102 -2.76 29.41 -2.25
C LEU A 102 -2.94 27.90 -2.17
N THR A 103 -3.84 27.45 -1.32
CA THR A 103 -4.16 26.04 -1.25
C THR A 103 -4.68 25.49 -2.58
N GLU A 104 -5.14 26.36 -3.45
CA GLU A 104 -5.64 25.95 -4.75
C GLU A 104 -4.53 25.63 -5.73
N LEU A 105 -3.32 26.10 -5.46
CA LEU A 105 -2.23 25.93 -6.38
C LEU A 105 -1.75 24.50 -6.43
N VAL A 106 -1.80 23.88 -7.58
CA VAL A 106 -1.32 22.51 -7.68
C VAL A 106 -0.08 22.30 -8.55
N ARG A 107 0.29 23.31 -9.32
CA ARG A 107 1.46 23.19 -10.15
C ARG A 107 2.05 24.53 -10.50
N VAL A 108 3.37 24.56 -10.59
CA VAL A 108 4.12 25.72 -10.99
C VAL A 108 5.16 25.25 -11.97
N GLU A 109 5.11 25.73 -13.19
CA GLU A 109 6.02 25.34 -14.19
CA GLU A 109 6.05 25.29 -14.20
C GLU A 109 6.68 26.40 -15.04
N LYS A 110 7.99 26.51 -14.99
CA LYS A 110 8.68 27.47 -15.80
C LYS A 110 8.66 27.04 -17.24
N ASP A 111 8.48 27.98 -18.14
CA ASP A 111 8.56 27.66 -19.56
C ASP A 111 10.01 27.38 -19.89
N LEU A 112 10.27 26.20 -20.43
CA LEU A 112 11.63 25.76 -20.64
C LEU A 112 12.32 26.40 -21.84
N GLU A 113 11.57 27.10 -22.68
CA GLU A 113 12.13 27.72 -23.87
C GLU A 113 11.98 29.24 -23.90
N ILE A 114 11.02 29.77 -23.15
CA ILE A 114 10.86 31.21 -23.01
C ILE A 114 11.18 31.59 -21.57
N SER A 115 12.30 32.24 -21.36
CA SER A 115 12.78 32.46 -20.03
C SER A 115 11.97 33.42 -19.18
N GLU A 116 10.99 34.08 -19.77
CA GLU A 116 10.09 34.96 -19.03
C GLU A 116 8.77 34.31 -18.69
N GLY A 117 8.47 33.16 -19.29
CA GLY A 117 7.19 32.54 -19.16
C GLY A 117 7.01 31.52 -18.07
N PHE A 118 5.83 31.43 -17.53
CA PHE A 118 5.53 30.43 -16.55
C PHE A 118 4.07 30.13 -16.48
N ILE A 119 3.74 29.01 -15.90
CA ILE A 119 2.39 28.54 -15.82
C ILE A 119 2.01 28.14 -14.41
N LEU A 120 0.90 28.63 -13.93
CA LEU A 120 0.40 28.21 -12.64
C LEU A 120 -0.86 27.47 -12.85
N THR A 121 -1.04 26.39 -12.12
CA THR A 121 -2.27 25.63 -12.21
C THR A 121 -3.03 25.66 -10.89
N MSE A 122 -4.26 26.13 -10.94
CA MSE A 122 -5.16 26.03 -9.82
C MSE A 122 -6.29 25.09 -10.15
O MSE A 122 -6.19 23.93 -9.84
CB MSE A 122 -5.71 27.40 -9.43
CG MSE A 122 -4.69 28.28 -8.74
SE MSE A 122 -3.28 28.92 -9.85
CE MSE A 122 -3.26 30.71 -9.31
N SER A 123 -7.35 25.56 -10.80
CA SER A 123 -8.34 24.68 -11.37
C SER A 123 -8.15 24.74 -12.88
N LYS A 124 -7.75 25.91 -13.34
CA LYS A 124 -7.51 26.15 -14.73
CA LYS A 124 -7.50 26.14 -14.73
C LYS A 124 -6.06 26.41 -14.85
N LYS A 125 -5.52 26.55 -16.05
CA LYS A 125 -4.14 26.91 -16.17
C LYS A 125 -3.98 28.37 -16.52
N TYR A 126 -2.92 28.98 -16.05
CA TYR A 126 -2.66 30.38 -16.32
C TYR A 126 -1.22 30.59 -16.79
N TYR A 127 -1.06 30.99 -18.04
CA TYR A 127 0.24 31.33 -18.57
C TYR A 127 0.49 32.82 -18.46
N TRP A 128 1.59 33.21 -17.87
CA TRP A 128 1.94 34.61 -17.79
C TRP A 128 3.40 34.79 -18.10
N GLU A 129 3.82 35.98 -18.49
CA GLU A 129 5.23 36.30 -18.62
C GLU A 129 5.61 37.45 -17.71
N THR A 130 6.81 37.40 -17.15
CA THR A 130 7.36 38.54 -16.46
C THR A 130 8.07 39.35 -17.51
N ASN A 131 8.66 40.46 -17.13
CA ASN A 131 9.37 41.31 -18.06
C ASN A 131 10.80 40.89 -18.28
N SER A 132 11.33 40.07 -17.40
CA SER A 132 12.65 39.53 -17.57
C SER A 132 12.79 38.17 -16.94
N ALA A 133 13.84 37.46 -17.32
CA ALA A 133 14.12 36.17 -16.79
C ALA A 133 14.39 36.24 -15.31
N LYS A 134 15.10 37.26 -14.88
CA LYS A 134 15.44 37.41 -13.48
C LYS A 134 14.24 37.65 -12.61
N GLU A 135 13.28 38.39 -13.11
CA GLU A 135 12.05 38.66 -12.38
C GLU A 135 11.21 37.40 -12.20
N ARG A 136 11.23 36.54 -13.19
CA ARG A 136 10.59 35.25 -13.07
C ARG A 136 11.24 34.43 -11.97
N THR A 137 12.56 34.39 -11.97
CA THR A 137 13.27 33.62 -10.96
C THR A 137 12.88 34.09 -9.58
N VAL A 138 12.85 35.40 -9.39
CA VAL A 138 12.56 35.95 -8.09
C VAL A 138 11.15 35.64 -7.65
N PHE A 139 10.15 35.89 -8.48
CA PHE A 139 8.80 35.62 -8.07
C PHE A 139 8.51 34.15 -7.81
N ILE A 140 9.00 33.27 -8.67
CA ILE A 140 8.77 31.86 -8.49
C ILE A 140 9.41 31.38 -7.19
N LYS A 141 10.60 31.87 -6.90
CA LYS A 141 11.24 31.60 -5.63
C LYS A 141 10.34 32.02 -4.46
N SER A 142 9.76 33.21 -4.52
CA SER A 142 8.87 33.65 -3.48
C SER A 142 7.64 32.75 -3.36
N LEU A 143 7.09 32.38 -4.48
CA LEU A 143 5.85 31.64 -4.50
C LEU A 143 5.98 30.28 -3.87
N ILE A 144 7.06 29.59 -4.23
CA ILE A 144 7.27 28.24 -3.76
C ILE A 144 7.78 28.18 -2.34
N THR A 145 8.65 29.11 -1.97
CA THR A 145 9.14 29.17 -0.61
C THR A 145 7.99 29.44 0.34
N LEU A 146 7.12 30.37 -0.03
CA LEU A 146 5.96 30.67 0.77
C LEU A 146 5.05 29.49 0.88
N TYR A 147 4.88 28.74 -0.20
CA TYR A 147 4.01 27.58 -0.15
C TYR A 147 4.57 26.59 0.85
N ILE A 148 5.86 26.36 0.77
CA ILE A 148 6.55 25.48 1.69
C ILE A 148 6.40 25.92 3.13
N GLN A 149 6.49 27.21 3.36
CA GLN A 149 6.43 27.73 4.70
C GLN A 149 5.03 27.68 5.31
N THR A 150 3.99 27.58 4.50
CA THR A 150 2.67 27.47 5.04
C THR A 150 2.41 26.13 5.62
N PHE A 151 3.42 25.26 5.60
CA PHE A 151 3.34 23.97 6.26
C PHE A 151 4.01 24.06 7.61
N GLU A 152 3.32 23.65 8.66
CA GLU A 152 3.94 23.52 9.95
C GLU A 152 4.56 22.16 10.05
N GLY A 153 5.84 22.10 10.37
CA GLY A 153 6.50 20.82 10.46
C GLY A 153 6.83 20.23 9.12
N HIS A 154 7.36 19.01 9.14
CA HIS A 154 7.85 18.33 7.96
C HIS A 154 6.84 18.35 6.83
N VAL A 155 7.30 18.61 5.62
CA VAL A 155 6.40 18.69 4.48
C VAL A 155 6.15 17.32 3.88
N PRO A 156 4.88 17.06 3.64
CA PRO A 156 4.38 15.78 3.19
C PRO A 156 4.97 15.23 1.91
N GLU A 157 4.76 13.94 1.73
CA GLU A 157 5.20 13.22 0.56
C GLU A 157 4.63 13.75 -0.74
N LEU A 158 3.44 14.35 -0.68
CA LEU A 158 2.75 14.78 -1.88
C LEU A 158 3.45 15.83 -2.75
N VAL A 159 4.23 16.72 -2.15
CA VAL A 159 4.88 17.71 -2.99
C VAL A 159 6.03 17.15 -3.79
N ASN A 160 6.10 17.51 -5.07
CA ASN A 160 7.14 17.05 -5.98
C ASN A 160 7.83 18.20 -6.69
N TRP A 161 9.06 17.99 -7.12
CA TRP A 161 9.78 18.97 -7.94
C TRP A 161 10.89 18.36 -8.76
N ASP A 162 11.52 19.15 -9.60
CA ASP A 162 12.60 18.64 -10.45
C ASP A 162 13.96 19.21 -10.04
N LEU A 163 14.04 19.74 -8.83
CA LEU A 163 15.27 20.36 -8.34
C LEU A 163 16.41 19.35 -8.30
N SER A 164 17.59 19.82 -8.72
CA SER A 164 18.77 19.00 -8.52
CA SER A 164 18.85 19.08 -8.67
C SER A 164 19.92 19.80 -7.90
N LEU A 165 19.73 21.08 -7.71
CA LEU A 165 20.73 21.93 -7.11
C LEU A 165 20.13 23.04 -6.26
N PHE A 166 20.74 23.29 -5.13
CA PHE A 166 20.31 24.32 -4.22
C PHE A 166 21.50 24.89 -3.48
N TYR A 167 21.63 26.20 -3.43
CA TYR A 167 22.75 26.82 -2.74
C TYR A 167 22.47 28.23 -2.25
N LEU A 168 23.25 28.65 -1.27
CA LEU A 168 23.17 30.00 -0.75
C LEU A 168 24.33 30.81 -1.28
N ASP A 169 24.14 32.09 -1.44
CA ASP A 169 25.22 32.92 -1.91
C ASP A 169 25.84 33.66 -0.75
N ASN B 6 8.31 -2.12 -0.64
CA ASN B 6 7.73 -1.62 0.59
C ASN B 6 8.40 -2.30 1.77
N PHE B 7 9.48 -2.97 1.47
CA PHE B 7 10.37 -3.44 2.48
C PHE B 7 11.01 -2.19 3.03
N LEU B 8 11.12 -1.20 2.17
CA LEU B 8 11.66 0.11 2.50
C LEU B 8 10.93 0.74 3.66
N ALA B 9 9.61 0.72 3.62
CA ALA B 9 8.83 1.40 4.62
C ALA B 9 8.93 0.77 5.98
N GLU B 10 9.07 -0.54 6.04
CA GLU B 10 9.19 -1.23 7.29
C GLU B 10 10.57 -0.98 7.87
N GLN B 11 11.56 -0.96 7.01
CA GLN B 11 12.90 -0.62 7.42
C GLN B 11 12.94 0.79 7.99
N TYR B 12 12.25 1.71 7.34
CA TYR B 12 12.22 3.10 7.79
C TYR B 12 11.64 3.23 9.19
N GLU B 13 10.47 2.63 9.39
CA GLU B 13 9.84 2.69 10.71
CA GLU B 13 9.83 2.65 10.71
C GLU B 13 10.72 2.02 11.78
N ARG B 14 11.37 0.93 11.43
CA ARG B 14 12.25 0.23 12.36
C ARG B 14 13.40 1.15 12.76
N ASP B 15 14.06 1.73 11.77
CA ASP B 15 15.13 2.68 12.00
C ASP B 15 14.66 3.84 12.84
N ARG B 16 13.55 4.45 12.46
CA ARG B 16 13.03 5.59 13.18
C ARG B 16 12.87 5.37 14.66
N LYS B 17 12.29 4.24 15.04
CA LYS B 17 12.04 3.92 16.44
C LYS B 17 13.35 3.77 17.19
N ALA B 18 14.28 3.02 16.61
CA ALA B 18 15.56 2.81 17.23
C ALA B 18 16.30 4.12 17.41
N ILE B 19 16.21 5.00 16.42
CA ILE B 19 16.92 6.25 16.46
C ILE B 19 16.40 7.16 17.54
N ILE B 20 15.09 7.28 17.63
CA ILE B 20 14.51 8.11 18.65
C ILE B 20 14.86 7.56 20.03
N ASN B 21 14.77 6.24 20.17
CA ASN B 21 15.15 5.61 21.40
C ASN B 21 16.60 5.85 21.69
N CYS B 22 17.48 5.64 20.75
CA CYS B 22 18.82 5.86 21.13
C CYS B 22 19.10 7.30 21.40
N CYS B 23 18.54 8.23 20.67
CA CYS B 23 19.15 9.52 20.73
C CYS B 23 18.30 10.75 20.93
N PHE B 24 17.00 10.60 20.82
CA PHE B 24 16.14 11.77 20.92
C PHE B 24 14.95 11.54 21.83
N SER B 25 15.19 10.95 22.98
CA SER B 25 14.11 10.58 23.87
C SER B 25 14.37 10.91 25.33
N ARG B 26 15.53 10.56 25.85
CA ARG B 26 15.84 10.93 27.22
C ARG B 26 17.05 11.84 27.32
N PRO B 27 17.19 12.47 28.47
CA PRO B 27 18.37 13.27 28.75
C PRO B 27 19.51 12.44 28.35
N ASP B 28 20.59 13.02 27.91
CA ASP B 28 21.70 12.16 27.59
C ASP B 28 22.59 12.03 28.81
N HIS B 29 23.64 11.24 28.70
CA HIS B 29 24.54 11.10 29.84
C HIS B 29 25.95 10.71 29.47
N THR B 31 25.82 14.03 30.16
CA THR B 31 25.75 15.47 30.37
C THR B 31 24.48 15.82 31.11
N GLY B 32 23.43 15.07 30.87
CA GLY B 32 22.16 15.40 31.46
C GLY B 32 21.56 16.64 30.82
N GLU B 33 21.71 16.74 29.51
CA GLU B 33 21.00 17.73 28.74
C GLU B 33 19.86 17.01 28.06
N PRO B 34 18.73 17.67 27.91
CA PRO B 34 17.57 17.11 27.22
C PRO B 34 17.91 16.71 25.79
N PRO B 35 17.08 15.94 25.13
CA PRO B 35 17.37 15.54 23.77
C PRO B 35 16.76 16.47 22.72
N ASN B 36 17.23 16.37 21.50
CA ASN B 36 16.61 17.09 20.42
C ASN B 36 15.33 16.40 20.02
N ASN B 37 14.51 17.04 19.21
CA ASN B 37 13.34 16.40 18.64
C ASN B 37 13.65 15.87 17.24
N TYR B 38 13.42 14.59 17.02
CA TYR B 38 13.72 13.96 15.74
C TYR B 38 12.78 14.40 14.65
N ILE B 39 13.29 14.51 13.44
CA ILE B 39 12.49 14.91 12.31
C ILE B 39 12.42 13.85 11.23
N THR B 40 13.54 13.45 10.68
CA THR B 40 13.56 12.42 9.65
C THR B 40 14.95 11.88 9.56
N HIS B 41 15.18 10.90 8.71
CA HIS B 41 16.49 10.33 8.52
C HIS B 41 16.56 9.68 7.17
N VAL B 42 17.76 9.24 6.80
CA VAL B 42 17.95 8.44 5.60
C VAL B 42 19.20 7.57 5.71
N ARG B 43 19.15 6.37 5.17
CA ARG B 43 20.32 5.54 5.11
C ARG B 43 21.25 6.00 4.02
N ILE B 44 22.54 6.02 4.30
CA ILE B 44 23.52 6.40 3.29
C ILE B 44 24.70 5.46 3.24
N ILE B 45 25.42 5.49 2.15
CA ILE B 45 26.66 4.79 2.06
C ILE B 45 27.76 5.78 1.94
N GLU B 46 28.77 5.63 2.77
CA GLU B 46 29.93 6.52 2.77
C GLU B 46 31.18 5.78 2.33
N ASP B 47 31.96 6.38 1.45
CA ASP B 47 33.19 5.77 1.01
C ASP B 47 34.35 6.43 1.69
N SER B 48 34.95 5.73 2.65
CA SER B 48 35.98 6.32 3.46
C SER B 48 37.18 6.84 2.70
N LYS B 49 37.49 6.27 1.56
CA LYS B 49 38.59 6.79 0.76
C LYS B 49 38.17 7.91 -0.17
N PHE B 50 36.88 8.03 -0.42
CA PHE B 50 36.37 9.08 -1.26
C PHE B 50 35.15 9.71 -0.62
N PRO B 51 35.37 10.48 0.40
CA PRO B 51 34.29 11.02 1.19
C PRO B 51 33.77 12.35 0.69
N SER B 52 34.49 12.98 -0.21
CA SER B 52 34.16 14.29 -0.69
C SER B 52 33.91 14.37 -2.18
N SER B 53 33.96 13.26 -2.87
CA SER B 53 33.77 13.31 -4.29
C SER B 53 33.38 11.98 -4.85
N ARG B 54 32.99 11.95 -6.10
CA ARG B 54 32.48 10.72 -6.67
C ARG B 54 33.50 9.60 -6.60
N PRO B 55 33.14 8.51 -5.97
CA PRO B 55 34.04 7.38 -5.84
C PRO B 55 34.21 6.68 -7.15
N PRO B 56 35.43 6.26 -7.43
CA PRO B 56 35.73 5.46 -8.60
C PRO B 56 34.82 4.29 -8.68
N PRO B 57 34.50 3.87 -9.88
CA PRO B 57 33.69 2.68 -10.03
C PRO B 57 34.36 1.48 -9.38
N ASP B 58 35.67 1.57 -9.18
CA ASP B 58 36.44 0.45 -8.70
C ASP B 58 36.83 0.60 -7.25
N SER B 59 35.89 0.97 -6.41
CA SER B 59 36.24 1.17 -5.02
C SER B 59 35.98 -0.10 -4.25
N LYS B 60 36.97 -0.53 -3.47
CA LYS B 60 36.88 -1.77 -2.72
C LYS B 60 35.74 -1.77 -1.77
N LEU B 61 34.96 -2.81 -1.87
CA LEU B 61 33.79 -2.99 -1.03
C LEU B 61 34.08 -2.64 0.43
N GLU B 62 35.33 -2.74 0.84
CA GLU B 62 35.74 -2.47 2.20
C GLU B 62 35.63 -0.99 2.53
N ASN B 63 35.62 -0.16 1.51
CA ASN B 63 35.53 1.27 1.70
C ASN B 63 34.14 1.73 2.02
N LYS B 64 33.16 0.92 1.67
CA LYS B 64 31.77 1.30 1.78
C LYS B 64 31.20 1.13 3.16
N LYS B 65 30.91 2.22 3.82
CA LYS B 65 30.36 2.17 5.15
C LYS B 65 28.88 2.48 5.16
N LYS B 66 28.14 1.78 5.99
CA LYS B 66 26.73 2.07 6.13
C LYS B 66 26.51 3.05 7.24
N ARG B 67 25.87 4.15 6.91
CA ARG B 67 25.62 5.20 7.88
C ARG B 67 24.21 5.75 7.77
N LEU B 68 23.89 6.73 8.57
CA LEU B 68 22.61 7.38 8.51
C LEU B 68 22.78 8.87 8.70
N LEU B 69 21.96 9.64 8.00
CA LEU B 69 21.88 11.05 8.22
C LEU B 69 20.57 11.28 8.94
N ILE B 70 20.58 12.14 9.93
CA ILE B 70 19.40 12.41 10.69
C ILE B 70 19.20 13.89 10.88
N LEU B 71 17.98 14.36 10.81
CA LEU B 71 17.72 15.75 11.02
C LEU B 71 16.91 15.91 12.25
N SER B 72 17.23 16.90 13.06
CA SER B 72 16.51 17.13 14.29
C SER B 72 16.48 18.61 14.67
N ALA B 73 15.78 18.93 15.73
CA ALA B 73 15.65 20.31 16.17
C ALA B 73 15.82 20.48 17.66
N LYS B 74 16.32 21.64 18.07
CA LYS B 74 16.45 21.96 19.48
C LYS B 74 15.10 21.95 20.16
N PRO B 75 15.05 21.43 21.37
CA PRO B 75 13.79 21.32 22.11
C PRO B 75 13.10 22.65 22.29
N ASN B 76 13.89 23.69 22.54
CA ASN B 76 13.33 25.03 22.74
C ASN B 76 13.44 25.88 21.49
N ASN B 77 13.95 25.29 20.41
CA ASN B 77 14.11 26.01 19.15
C ASN B 77 13.69 25.16 17.96
N ALA B 78 12.49 25.43 17.44
CA ALA B 78 11.97 24.69 16.29
C ALA B 78 12.65 25.15 14.99
N LYS B 79 13.38 26.26 15.08
CA LYS B 79 14.07 26.78 13.93
C LYS B 79 15.54 26.58 14.04
N LEU B 80 15.99 25.87 15.06
CA LEU B 80 17.38 25.55 15.17
C LEU B 80 17.58 24.09 14.89
N ILE B 81 17.84 23.77 13.65
CA ILE B 81 17.91 22.41 13.20
C ILE B 81 19.33 21.94 13.09
N GLN B 82 19.54 20.65 13.33
CA GLN B 82 20.86 20.04 13.26
C GLN B 82 20.87 18.86 12.31
N ILE B 83 22.01 18.59 11.73
CA ILE B 83 22.22 17.43 10.92
C ILE B 83 23.17 16.50 11.64
N HIS B 84 22.86 15.21 11.72
CA HIS B 84 23.75 14.25 12.34
C HIS B 84 24.13 13.12 11.42
N LYS B 85 25.34 12.61 11.56
CA LYS B 85 25.69 11.36 10.97
C LYS B 85 25.73 10.30 12.07
N ALA B 86 25.19 9.13 11.80
CA ALA B 86 25.06 8.09 12.80
C ALA B 86 25.28 6.74 12.15
N ARG B 87 25.40 5.72 12.98
CA ARG B 87 25.53 4.35 12.51
C ARG B 87 24.82 3.39 13.42
N GLU B 88 24.47 2.23 12.90
CA GLU B 88 23.93 1.16 13.71
C GLU B 88 25.05 0.22 14.03
N ASN B 89 25.25 -0.04 15.31
CA ASN B 89 26.28 -0.95 15.75
C ASN B 89 25.82 -2.40 15.65
N SER B 90 26.72 -3.34 15.92
CA SER B 90 26.39 -4.74 15.77
C SER B 90 25.40 -5.22 16.81
N ASP B 91 25.42 -4.61 17.97
CA ASP B 91 24.48 -4.98 19.00
C ASP B 91 23.11 -4.34 18.83
N GLY B 92 22.92 -3.59 17.77
CA GLY B 92 21.63 -3.00 17.46
C GLY B 92 21.48 -1.59 17.97
N SER B 93 22.39 -1.15 18.80
CA SER B 93 22.34 0.19 19.32
C SER B 93 22.71 1.19 18.25
N PHE B 94 22.35 2.44 18.48
CA PHE B 94 22.58 3.48 17.52
C PHE B 94 23.45 4.52 18.15
N GLN B 95 24.27 5.16 17.35
CA GLN B 95 25.13 6.21 17.86
C GLN B 95 25.45 7.27 16.85
N ILE B 96 25.46 8.52 17.28
CA ILE B 96 25.78 9.64 16.41
C ILE B 96 27.26 9.99 16.48
N GLY B 97 27.88 10.08 15.32
CA GLY B 97 29.29 10.36 15.20
C GLY B 97 29.68 11.76 14.75
N ARG B 98 28.72 12.52 14.24
CA ARG B 98 28.96 13.85 13.73
C ARG B 98 27.71 14.68 13.84
N THR B 99 27.87 15.95 14.17
CA THR B 99 26.78 16.90 14.16
C THR B 99 27.20 18.17 13.47
N TRP B 100 26.28 18.77 12.72
CA TRP B 100 26.47 20.03 12.07
C TRP B 100 25.24 20.85 12.37
N GLN B 101 25.34 22.15 12.37
CA GLN B 101 24.15 22.95 12.41
C GLN B 101 23.64 23.08 10.98
N LEU B 102 22.33 23.16 10.82
CA LEU B 102 21.77 23.32 9.50
C LEU B 102 22.31 24.58 8.85
N THR B 103 22.47 25.63 9.63
CA THR B 103 22.99 26.87 9.10
C THR B 103 24.38 26.77 8.48
N GLU B 104 25.06 25.67 8.66
CA GLU B 104 26.34 25.52 8.01
C GLU B 104 26.17 25.04 6.59
N LEU B 105 25.00 24.56 6.24
CA LEU B 105 24.76 24.04 4.92
C LEU B 105 24.72 25.15 3.90
N VAL B 106 25.54 25.08 2.89
CA VAL B 106 25.56 26.09 1.86
C VAL B 106 25.26 25.59 0.47
N ARG B 107 25.23 24.30 0.26
CA ARG B 107 24.96 23.75 -1.05
C ARG B 107 24.50 22.32 -0.98
N VAL B 108 23.57 21.96 -1.84
CA VAL B 108 23.08 20.60 -1.94
C VAL B 108 22.99 20.28 -3.39
N GLU B 109 23.65 19.24 -3.84
CA GLU B 109 23.65 18.93 -5.26
C GLU B 109 23.53 17.46 -5.57
N LYS B 110 22.71 17.12 -6.54
CA LYS B 110 22.58 15.76 -7.02
C LYS B 110 23.65 15.45 -8.04
N ASP B 111 24.16 14.24 -7.98
CA ASP B 111 25.18 13.78 -8.90
C ASP B 111 24.51 13.42 -10.18
N LEU B 112 24.95 14.03 -11.25
CA LEU B 112 24.30 13.87 -12.53
C LEU B 112 24.53 12.49 -13.14
N GLU B 113 25.61 11.84 -12.75
CA GLU B 113 26.01 10.56 -13.33
C GLU B 113 25.64 9.36 -12.49
N ILE B 114 25.51 9.55 -11.19
CA ILE B 114 25.13 8.47 -10.30
C ILE B 114 23.81 8.79 -9.64
N SER B 115 22.81 7.97 -9.91
CA SER B 115 21.42 8.28 -9.53
C SER B 115 21.17 8.32 -8.03
N GLU B 116 22.06 7.71 -7.26
CA GLU B 116 21.91 7.72 -5.80
C GLU B 116 22.91 8.65 -5.13
N GLY B 117 23.72 9.31 -5.91
CA GLY B 117 24.76 10.15 -5.37
C GLY B 117 24.40 11.59 -5.16
N PHE B 118 24.91 12.16 -4.10
CA PHE B 118 24.69 13.56 -3.80
C PHE B 118 25.78 14.14 -2.95
N ILE B 119 25.91 15.45 -3.00
CA ILE B 119 26.89 16.15 -2.23
C ILE B 119 26.32 17.24 -1.37
N LEU B 120 26.61 17.18 -0.10
CA LEU B 120 26.30 18.26 0.80
C LEU B 120 27.55 19.06 1.09
N THR B 121 27.42 20.36 1.10
CA THR B 121 28.55 21.22 1.36
C THR B 121 28.33 22.08 2.57
N MSE B 122 29.18 21.92 3.56
CA MSE B 122 29.16 22.77 4.73
C MSE B 122 30.44 23.60 4.80
O MSE B 122 30.49 24.64 4.22
CB MSE B 122 29.02 21.94 6.00
CG MSE B 122 27.61 21.42 6.26
SE MSE B 122 27.12 19.95 5.14
CE MSE B 122 26.79 18.65 6.45
N SER B 123 31.49 23.11 5.41
CA SER B 123 32.75 23.80 5.30
C SER B 123 33.55 22.98 4.36
N LYS B 124 33.30 21.69 4.33
CA LYS B 124 33.92 20.79 3.37
C LYS B 124 32.80 20.14 2.55
N LYS B 125 33.17 19.37 1.56
CA LYS B 125 32.21 18.64 0.80
C LYS B 125 32.02 17.25 1.34
N TYR B 126 30.78 16.77 1.30
CA TYR B 126 30.46 15.44 1.75
C TYR B 126 29.72 14.70 0.66
N TYR B 127 30.36 13.69 0.07
CA TYR B 127 29.69 12.89 -0.94
C TYR B 127 29.11 11.64 -0.28
N TRP B 128 27.82 11.42 -0.50
CA TRP B 128 27.17 10.22 0.02
C TRP B 128 26.28 9.63 -1.07
N GLU B 129 25.93 8.36 -0.91
CA GLU B 129 24.94 7.75 -1.78
C GLU B 129 23.81 7.21 -0.95
N THR B 130 22.60 7.32 -1.46
CA THR B 130 21.45 6.64 -0.86
C THR B 130 21.38 5.25 -1.43
N ASN B 131 20.40 4.48 -1.00
CA ASN B 131 20.28 3.12 -1.49
C ASN B 131 19.51 3.02 -2.81
N SER B 132 18.78 4.08 -3.15
CA SER B 132 18.00 4.16 -4.39
C SER B 132 17.79 5.59 -4.86
N ALA B 133 17.49 5.75 -6.15
CA ALA B 133 17.22 7.07 -6.71
C ALA B 133 16.05 7.76 -6.00
N LYS B 134 15.02 6.99 -5.70
CA LYS B 134 13.87 7.52 -5.00
C LYS B 134 14.24 8.08 -3.63
N GLU B 135 15.05 7.36 -2.90
CA GLU B 135 15.45 7.77 -1.58
C GLU B 135 16.25 9.06 -1.63
N ARG B 136 17.04 9.23 -2.66
CA ARG B 136 17.78 10.47 -2.82
C ARG B 136 16.80 11.63 -2.97
N THR B 137 15.80 11.48 -3.82
CA THR B 137 14.79 12.52 -4.04
C THR B 137 14.08 12.88 -2.74
N VAL B 138 13.70 11.87 -1.97
CA VAL B 138 12.95 12.11 -0.74
C VAL B 138 13.78 12.86 0.31
N PHE B 139 15.00 12.40 0.56
CA PHE B 139 15.81 13.04 1.59
C PHE B 139 16.15 14.47 1.21
N ILE B 140 16.50 14.68 -0.04
CA ILE B 140 16.86 16.01 -0.48
C ILE B 140 15.69 16.97 -0.37
N LYS B 141 14.50 16.50 -0.74
CA LYS B 141 13.32 17.29 -0.58
C LYS B 141 13.09 17.63 0.87
N SER B 142 13.27 16.67 1.74
CA SER B 142 13.13 16.91 3.18
C SER B 142 14.14 17.94 3.67
N LEU B 143 15.41 17.74 3.30
CA LEU B 143 16.47 18.64 3.75
C LEU B 143 16.21 20.08 3.34
N ILE B 144 15.79 20.28 2.09
CA ILE B 144 15.67 21.61 1.53
C ILE B 144 14.39 22.32 1.98
N THR B 145 13.28 21.60 2.05
CA THR B 145 12.05 22.21 2.55
C THR B 145 12.21 22.61 4.03
N LEU B 146 12.86 21.77 4.81
CA LEU B 146 13.15 22.08 6.20
C LEU B 146 14.03 23.30 6.30
N TYR B 147 15.05 23.38 5.47
CA TYR B 147 15.87 24.56 5.45
C TYR B 147 15.05 25.78 5.20
N ILE B 148 14.23 25.73 4.16
CA ILE B 148 13.42 26.88 3.78
C ILE B 148 12.50 27.30 4.93
N GLN B 149 11.94 26.31 5.61
CA GLN B 149 11.03 26.57 6.71
C GLN B 149 11.69 27.24 7.92
N THR B 150 13.01 27.17 8.00
CA THR B 150 13.72 27.80 9.10
C THR B 150 13.93 29.29 8.94
N PHE B 151 13.68 29.81 7.75
CA PHE B 151 13.78 31.24 7.54
C PHE B 151 12.64 31.92 8.25
N GLU B 152 12.89 33.17 8.60
CA GLU B 152 11.90 33.96 9.29
C GLU B 152 11.16 34.74 8.26
N GLY B 153 9.92 34.36 8.01
CA GLY B 153 9.17 34.99 6.95
C GLY B 153 9.81 35.01 5.58
N HIS B 154 9.49 36.04 4.84
CA HIS B 154 9.80 36.11 3.44
C HIS B 154 11.23 36.54 3.16
N VAL B 155 12.07 35.59 2.79
CA VAL B 155 13.47 35.87 2.46
C VAL B 155 14.00 34.85 1.47
N PRO B 156 13.76 35.09 0.19
CA PRO B 156 14.17 34.17 -0.85
C PRO B 156 15.37 34.73 -1.60
N GLU B 157 15.83 35.89 -1.19
CA GLU B 157 16.94 36.49 -1.88
C GLU B 157 18.19 35.68 -1.67
N LEU B 158 18.24 34.93 -0.58
CA LEU B 158 19.46 34.22 -0.30
C LEU B 158 19.51 32.81 -0.84
N VAL B 159 18.42 32.33 -1.41
CA VAL B 159 18.45 31.00 -2.00
C VAL B 159 18.50 30.97 -3.50
N ASN B 160 19.15 29.96 -4.03
CA ASN B 160 19.31 29.77 -5.44
C ASN B 160 19.08 28.32 -5.77
N TRP B 161 18.36 28.02 -6.84
CA TRP B 161 18.09 26.65 -7.21
C TRP B 161 17.89 26.51 -8.70
N ASP B 162 17.95 25.29 -9.18
CA ASP B 162 17.77 25.02 -10.58
C ASP B 162 16.38 24.48 -10.86
N LEU B 163 15.44 24.73 -9.97
CA LEU B 163 14.11 24.22 -10.09
C LEU B 163 13.35 24.83 -11.26
N SER B 164 12.60 24.03 -12.00
CA SER B 164 11.75 24.54 -13.06
C SER B 164 10.32 24.00 -12.99
N LEU B 165 10.10 23.03 -12.09
CA LEU B 165 8.79 22.40 -11.94
C LEU B 165 8.56 22.07 -10.48
N PHE B 166 7.36 22.38 -10.01
CA PHE B 166 6.94 22.11 -8.67
C PHE B 166 5.49 21.73 -8.70
N TYR B 167 5.12 20.60 -8.16
CA TYR B 167 3.72 20.22 -8.18
C TYR B 167 3.27 19.30 -7.07
N LEU B 168 1.98 19.19 -6.86
CA LEU B 168 1.42 18.30 -5.87
C LEU B 168 0.82 17.07 -6.50
N ASP B 169 1.08 15.93 -5.91
CA ASP B 169 0.58 14.68 -6.43
C ASP B 169 -0.73 14.33 -5.75
N LEU C 8 -22.94 -4.31 -15.08
CA LEU C 8 -22.13 -4.27 -13.86
C LEU C 8 -21.09 -5.39 -13.90
N ALA C 9 -21.49 -6.54 -14.41
CA ALA C 9 -20.59 -7.68 -14.53
C ALA C 9 -19.58 -7.47 -15.66
N GLU C 10 -19.95 -6.68 -16.66
CA GLU C 10 -19.02 -6.43 -17.75
C GLU C 10 -17.96 -5.48 -17.22
N GLN C 11 -18.35 -4.57 -16.35
CA GLN C 11 -17.33 -3.75 -15.76
C GLN C 11 -16.23 -4.72 -15.35
N TYR C 12 -16.62 -5.76 -14.64
CA TYR C 12 -15.66 -6.72 -14.12
C TYR C 12 -14.78 -7.29 -15.23
N GLU C 13 -15.36 -7.50 -16.41
CA GLU C 13 -14.58 -8.00 -17.52
C GLU C 13 -13.65 -6.92 -18.04
N ARG C 14 -14.13 -5.70 -18.06
CA ARG C 14 -13.26 -4.62 -18.47
C ARG C 14 -12.02 -4.73 -17.60
N ASP C 15 -12.20 -4.50 -16.30
CA ASP C 15 -11.06 -4.50 -15.39
C ASP C 15 -10.10 -5.65 -15.68
N ARG C 16 -10.65 -6.85 -15.80
CA ARG C 16 -9.83 -8.02 -16.00
C ARG C 16 -8.80 -7.80 -17.09
N LYS C 17 -9.29 -7.59 -18.30
CA LYS C 17 -8.43 -7.39 -19.45
C LYS C 17 -7.30 -6.44 -19.15
N ALA C 18 -7.65 -5.29 -18.59
CA ALA C 18 -6.69 -4.23 -18.32
C ALA C 18 -5.61 -4.67 -17.34
N ILE C 19 -6.00 -5.51 -16.39
CA ILE C 19 -5.08 -6.00 -15.36
C ILE C 19 -4.03 -6.93 -15.95
N ILE C 20 -4.48 -7.81 -16.84
CA ILE C 20 -3.61 -8.73 -17.53
C ILE C 20 -2.66 -7.96 -18.39
N ASN C 21 -3.23 -7.00 -19.09
CA ASN C 21 -2.51 -6.18 -20.03
C ASN C 21 -1.47 -5.31 -19.36
N CYS C 22 -1.77 -4.88 -18.14
CA CYS C 22 -0.89 -4.03 -17.38
C CYS C 22 0.15 -4.84 -16.64
N CYS C 23 -0.28 -5.90 -15.99
CA CYS C 23 0.62 -6.61 -15.08
C CYS C 23 0.87 -8.09 -15.29
N PHE C 24 0.21 -8.69 -16.27
CA PHE C 24 0.42 -10.11 -16.50
C PHE C 24 0.71 -10.47 -17.96
N SER C 25 1.37 -9.57 -18.67
CA SER C 25 1.66 -9.79 -20.08
C SER C 25 3.15 -9.94 -20.41
N ARG C 26 4.04 -9.49 -19.53
CA ARG C 26 5.48 -9.51 -19.79
C ARG C 26 6.29 -10.29 -18.75
N PRO C 27 7.46 -10.78 -19.15
CA PRO C 27 8.23 -11.68 -18.30
C PRO C 27 8.60 -11.09 -16.97
N ASP C 28 8.79 -12.00 -16.02
CA ASP C 28 9.23 -11.72 -14.70
C ASP C 28 10.59 -11.12 -14.82
N HIS C 29 10.80 -9.99 -14.17
CA HIS C 29 12.05 -9.31 -14.35
C HIS C 29 13.19 -9.94 -13.60
N LYS C 30 12.92 -11.04 -12.94
CA LYS C 30 13.90 -11.68 -12.08
C LYS C 30 14.11 -13.10 -12.50
N THR C 31 13.24 -13.57 -13.35
CA THR C 31 13.20 -14.96 -13.69
C THR C 31 13.31 -15.13 -15.17
N GLY C 32 12.84 -14.16 -15.94
CA GLY C 32 12.82 -14.37 -17.35
C GLY C 32 11.79 -15.46 -17.53
N GLU C 33 11.04 -15.68 -16.47
CA GLU C 33 9.91 -16.53 -16.57
C GLU C 33 8.79 -15.75 -17.22
N PRO C 34 7.92 -16.47 -17.89
CA PRO C 34 6.68 -15.92 -18.41
C PRO C 34 5.89 -15.34 -17.26
N PRO C 35 5.00 -14.41 -17.55
CA PRO C 35 4.25 -13.73 -16.49
C PRO C 35 3.36 -14.71 -15.72
N ASN C 36 2.92 -14.32 -14.54
CA ASN C 36 1.90 -15.06 -13.82
C ASN C 36 0.63 -15.12 -14.65
N ASN C 37 -0.21 -16.10 -14.39
CA ASN C 37 -1.51 -16.17 -15.02
C ASN C 37 -2.57 -15.65 -14.06
N TYR C 38 -3.29 -14.62 -14.46
CA TYR C 38 -4.38 -14.03 -13.68
C TYR C 38 -5.42 -15.08 -13.32
N ILE C 39 -5.94 -15.02 -12.10
CA ILE C 39 -7.02 -15.91 -11.67
C ILE C 39 -8.30 -15.13 -11.39
N THR C 40 -8.21 -14.15 -10.50
CA THR C 40 -9.36 -13.32 -10.18
C THR C 40 -8.95 -12.06 -9.43
N HIS C 41 -9.91 -11.15 -9.25
CA HIS C 41 -9.66 -9.94 -8.49
C HIS C 41 -10.92 -9.48 -7.78
N VAL C 42 -10.76 -8.50 -6.90
CA VAL C 42 -11.90 -7.83 -6.30
C VAL C 42 -11.51 -6.40 -5.94
N ARG C 43 -12.45 -5.48 -6.09
CA ARG C 43 -12.23 -4.11 -5.66
C ARG C 43 -12.39 -4.05 -4.15
N ILE C 44 -11.49 -3.30 -3.51
CA ILE C 44 -11.54 -3.14 -2.06
C ILE C 44 -11.44 -1.69 -1.66
N ILE C 45 -11.90 -1.41 -0.45
CA ILE C 45 -11.79 -0.08 0.13
C ILE C 45 -10.82 -0.18 1.29
N GLU C 46 -9.79 0.65 1.27
CA GLU C 46 -8.81 0.71 2.33
C GLU C 46 -8.94 2.00 3.14
N ASP C 47 -8.83 1.92 4.45
CA ASP C 47 -8.80 3.12 5.29
C ASP C 47 -7.38 3.43 5.73
N SER C 48 -6.86 4.56 5.26
CA SER C 48 -5.45 4.91 5.48
C SER C 48 -5.09 5.08 6.96
N LYS C 49 -6.06 5.47 7.78
CA LYS C 49 -5.80 5.64 9.22
C LYS C 49 -6.08 4.36 10.02
N PHE C 50 -6.97 3.51 9.53
CA PHE C 50 -7.29 2.25 10.18
C PHE C 50 -7.04 1.11 9.22
N PRO C 51 -5.77 0.78 9.06
CA PRO C 51 -5.35 -0.19 8.08
C PRO C 51 -5.56 -1.60 8.55
N SER C 52 -5.69 -1.77 9.86
CA SER C 52 -5.60 -3.08 10.47
C SER C 52 -6.83 -3.50 11.23
N SER C 53 -7.87 -2.68 11.25
CA SER C 53 -9.00 -2.96 12.08
C SER C 53 -10.26 -2.29 11.60
N ARG C 54 -11.40 -2.71 12.11
CA ARG C 54 -12.67 -2.14 11.68
C ARG C 54 -12.66 -0.64 11.92
N PRO C 55 -12.80 0.15 10.86
CA PRO C 55 -12.86 1.61 10.95
C PRO C 55 -14.22 2.06 11.50
N PRO C 56 -14.25 3.23 12.12
CA PRO C 56 -15.46 3.81 12.70
C PRO C 56 -16.44 4.26 11.65
N PRO C 57 -17.71 3.99 11.88
CA PRO C 57 -18.73 4.40 10.93
C PRO C 57 -18.60 5.88 10.62
N ASP C 58 -17.94 6.60 11.52
CA ASP C 58 -17.79 8.03 11.34
C ASP C 58 -16.51 8.38 10.60
N SER C 59 -15.98 7.48 9.78
CA SER C 59 -14.67 7.73 9.19
C SER C 59 -14.70 8.40 7.85
N LYS C 60 -13.68 9.23 7.66
CA LYS C 60 -13.58 10.20 6.58
C LYS C 60 -13.64 9.66 5.18
N LEU C 61 -14.42 10.30 4.34
CA LEU C 61 -14.49 9.86 2.98
C LEU C 61 -13.18 10.11 2.26
N GLU C 62 -12.39 11.08 2.73
CA GLU C 62 -11.07 11.34 2.18
C GLU C 62 -9.97 10.34 2.55
N ASN C 63 -10.16 9.58 3.63
CA ASN C 63 -9.18 8.56 3.97
C ASN C 63 -9.56 7.16 3.47
N LYS C 64 -10.63 7.08 2.68
CA LYS C 64 -11.00 5.84 2.02
C LYS C 64 -10.31 5.79 0.65
N LYS C 65 -9.46 4.80 0.43
CA LYS C 65 -8.83 4.69 -0.85
C LYS C 65 -9.30 3.48 -1.63
N LYS C 66 -9.43 3.65 -2.93
CA LYS C 66 -9.85 2.58 -3.83
C LYS C 66 -8.64 1.74 -4.22
N ARG C 67 -8.77 0.43 -4.05
CA ARG C 67 -7.71 -0.51 -4.34
C ARG C 67 -8.25 -1.78 -4.96
N LEU C 68 -7.37 -2.71 -5.23
CA LEU C 68 -7.79 -4.03 -5.72
C LEU C 68 -6.93 -5.13 -5.13
N LEU C 69 -7.54 -6.29 -4.92
CA LEU C 69 -6.83 -7.51 -4.61
C LEU C 69 -6.89 -8.39 -5.85
N ILE C 70 -5.75 -8.93 -6.24
CA ILE C 70 -5.67 -9.81 -7.42
C ILE C 70 -5.04 -11.14 -7.04
N LEU C 71 -5.58 -12.23 -7.57
CA LEU C 71 -4.97 -13.54 -7.39
C LEU C 71 -4.41 -14.04 -8.72
N SER C 72 -3.25 -14.68 -8.66
CA SER C 72 -2.60 -15.20 -9.86
C SER C 72 -1.73 -16.42 -9.54
N ALA C 73 -1.34 -17.13 -10.59
CA ALA C 73 -0.54 -18.34 -10.46
C ALA C 73 0.70 -18.30 -11.34
N LYS C 74 1.76 -18.97 -10.89
CA LYS C 74 3.00 -19.09 -11.64
C LYS C 74 2.82 -19.89 -12.92
N PRO C 75 3.51 -19.46 -13.98
CA PRO C 75 3.36 -19.99 -15.32
C PRO C 75 3.11 -21.50 -15.45
N ASN C 76 3.96 -22.31 -14.84
CA ASN C 76 3.82 -23.75 -14.97
C ASN C 76 3.37 -24.44 -13.69
N ASN C 77 3.26 -23.66 -12.61
CA ASN C 77 2.87 -24.20 -11.32
C ASN C 77 1.54 -23.61 -10.85
N ALA C 78 0.44 -24.21 -11.31
CA ALA C 78 -0.89 -23.73 -10.96
C ALA C 78 -1.18 -23.90 -9.48
N LYS C 79 -0.25 -24.47 -8.76
CA LYS C 79 -0.36 -24.63 -7.33
C LYS C 79 0.39 -23.54 -6.66
N LEU C 80 1.09 -22.71 -7.43
CA LEU C 80 1.86 -21.66 -6.83
C LEU C 80 1.20 -20.32 -7.04
N ILE C 81 0.63 -19.78 -5.97
CA ILE C 81 -0.28 -18.68 -6.09
C ILE C 81 0.16 -17.47 -5.33
N GLN C 82 -0.08 -16.32 -5.93
CA GLN C 82 0.29 -15.04 -5.33
C GLN C 82 -0.92 -14.11 -5.18
N ILE C 83 -0.92 -13.31 -4.12
CA ILE C 83 -1.90 -12.27 -3.93
C ILE C 83 -1.27 -10.92 -4.21
N HIS C 84 -1.95 -10.06 -4.96
CA HIS C 84 -1.44 -8.73 -5.25
C HIS C 84 -2.42 -7.65 -4.80
N LYS C 85 -1.88 -6.57 -4.22
CA LYS C 85 -2.67 -5.36 -4.02
C LYS C 85 -2.33 -4.34 -5.10
N ALA C 86 -3.34 -3.85 -5.79
CA ALA C 86 -3.12 -2.94 -6.91
C ALA C 86 -4.07 -1.77 -6.82
N ARG C 87 -3.92 -0.81 -7.73
CA ARG C 87 -4.80 0.31 -7.78
C ARG C 87 -4.98 0.84 -9.20
N GLU C 88 -6.10 1.48 -9.47
CA GLU C 88 -6.34 2.05 -10.80
C GLU C 88 -6.16 3.56 -10.80
N ASN C 89 -5.07 4.00 -11.40
CA ASN C 89 -4.75 5.41 -11.56
C ASN C 89 -5.80 6.11 -12.40
N SER C 90 -5.82 7.43 -12.37
CA SER C 90 -6.74 8.21 -13.20
C SER C 90 -6.45 8.00 -14.67
N ASP C 91 -5.18 8.03 -15.02
CA ASP C 91 -4.85 7.79 -16.38
C ASP C 91 -5.73 6.66 -16.83
N GLY C 92 -6.16 5.84 -15.89
CA GLY C 92 -6.97 4.69 -16.21
C GLY C 92 -6.13 3.43 -16.31
N SER C 93 -4.88 3.52 -15.91
CA SER C 93 -4.02 2.37 -15.97
C SER C 93 -4.05 1.68 -14.61
N PHE C 94 -3.63 0.42 -14.54
CA PHE C 94 -3.61 -0.29 -13.27
C PHE C 94 -2.16 -0.55 -12.90
N GLN C 95 -1.86 -0.62 -11.61
CA GLN C 95 -0.51 -0.92 -11.17
C GLN C 95 -0.44 -1.68 -9.83
N ILE C 96 0.26 -2.81 -9.83
CA ILE C 96 0.43 -3.62 -8.62
C ILE C 96 1.41 -2.97 -7.67
N GLY C 97 1.02 -2.84 -6.39
CA GLY C 97 1.87 -2.20 -5.41
C GLY C 97 2.48 -3.14 -4.37
N ARG C 98 1.87 -4.31 -4.20
CA ARG C 98 2.33 -5.29 -3.23
C ARG C 98 2.10 -6.70 -3.74
N THR C 99 2.95 -7.62 -3.32
CA THR C 99 2.76 -9.02 -3.65
C THR C 99 3.16 -9.93 -2.49
N TRP C 100 2.29 -10.86 -2.16
CA TRP C 100 2.59 -11.90 -1.23
C TRP C 100 2.39 -13.24 -1.88
N GLN C 101 3.00 -14.26 -1.31
CA GLN C 101 2.72 -15.65 -1.62
C GLN C 101 1.42 -15.97 -0.99
N LEU C 102 0.63 -16.82 -1.58
CA LEU C 102 -0.55 -17.22 -0.85
C LEU C 102 -0.14 -17.90 0.42
N THR C 103 0.95 -18.64 0.38
CA THR C 103 1.42 -19.37 1.56
C THR C 103 1.81 -18.43 2.69
N GLU C 104 1.90 -17.15 2.41
CA GLU C 104 2.16 -16.15 3.43
C GLU C 104 0.92 -15.84 4.25
N LEU C 105 -0.24 -16.16 3.71
CA LEU C 105 -1.51 -15.85 4.36
C LEU C 105 -1.79 -16.85 5.48
N VAL C 106 -1.83 -16.37 6.71
CA VAL C 106 -1.99 -17.24 7.87
C VAL C 106 -3.40 -17.27 8.46
N ARG C 107 -4.20 -16.26 8.15
CA ARG C 107 -5.57 -16.21 8.64
C ARG C 107 -6.43 -15.40 7.71
N VAL C 108 -7.63 -15.89 7.44
CA VAL C 108 -8.64 -15.19 6.67
C VAL C 108 -9.86 -15.11 7.56
N GLU C 109 -10.45 -13.94 7.67
CA GLU C 109 -11.49 -13.72 8.63
C GLU C 109 -12.55 -12.75 8.13
N LYS C 110 -13.78 -13.20 8.02
CA LYS C 110 -14.90 -12.32 7.65
C LYS C 110 -15.24 -11.45 8.85
N ASP C 111 -15.57 -10.18 8.59
CA ASP C 111 -16.10 -9.35 9.64
C ASP C 111 -17.57 -9.70 9.84
N LEU C 112 -17.90 -10.31 10.99
CA LEU C 112 -19.26 -10.76 11.24
C LEU C 112 -20.21 -9.61 11.52
N GLU C 113 -19.66 -8.44 11.80
CA GLU C 113 -20.46 -7.26 12.08
C GLU C 113 -20.75 -6.41 10.83
N ILE C 114 -19.84 -6.43 9.86
CA ILE C 114 -19.96 -5.67 8.63
C ILE C 114 -19.86 -6.59 7.41
N SER C 115 -20.94 -6.67 6.64
CA SER C 115 -21.03 -7.63 5.55
C SER C 115 -19.97 -7.42 4.44
N GLU C 116 -19.30 -6.29 4.45
CA GLU C 116 -18.29 -6.01 3.45
C GLU C 116 -16.89 -6.09 4.00
N GLY C 117 -16.75 -6.19 5.30
CA GLY C 117 -15.44 -6.18 5.93
C GLY C 117 -14.77 -7.54 6.04
N PHE C 118 -13.45 -7.54 6.07
CA PHE C 118 -12.71 -8.78 6.24
C PHE C 118 -11.26 -8.48 6.50
N ILE C 119 -10.60 -9.37 7.24
CA ILE C 119 -9.21 -9.21 7.59
C ILE C 119 -8.35 -10.36 7.05
N LEU C 120 -7.31 -10.00 6.31
CA LEU C 120 -6.31 -10.96 5.88
C LEU C 120 -5.05 -10.77 6.70
N THR C 121 -4.55 -11.84 7.34
CA THR C 121 -3.32 -11.77 8.10
C THR C 121 -2.17 -12.48 7.39
N MSE C 122 -1.17 -11.72 7.00
CA MSE C 122 0.08 -12.27 6.48
C MSE C 122 1.34 -12.16 7.32
O MSE C 122 1.66 -13.05 8.10
CB MSE C 122 0.47 -11.60 5.16
CG MSE C 122 -0.47 -11.85 3.99
SE MSE C 122 -2.16 -10.85 4.09
CE MSE C 122 -2.46 -10.60 2.17
N SER C 123 2.05 -11.05 7.15
CA SER C 123 3.15 -10.68 8.01
C SER C 123 2.46 -9.88 9.13
N LYS C 124 1.31 -9.30 8.80
CA LYS C 124 0.50 -8.57 9.77
C LYS C 124 -0.97 -8.55 9.34
N LYS C 125 -1.82 -7.89 10.11
CA LYS C 125 -3.25 -7.81 9.81
C LYS C 125 -3.60 -6.74 8.79
N TYR C 126 -4.54 -7.04 7.91
CA TYR C 126 -5.05 -6.06 6.95
C TYR C 126 -6.57 -6.08 6.91
N TYR C 127 -7.20 -4.96 7.25
CA TYR C 127 -8.64 -4.85 7.17
C TYR C 127 -9.04 -4.19 5.85
N TRP C 128 -9.94 -4.83 5.11
CA TRP C 128 -10.45 -4.26 3.88
C TRP C 128 -11.96 -4.43 3.77
N GLU C 129 -12.60 -3.58 2.99
CA GLU C 129 -14.01 -3.73 2.67
C GLU C 129 -14.21 -3.90 1.18
N THR C 130 -15.19 -4.70 0.79
CA THR C 130 -15.59 -4.76 -0.60
C THR C 130 -16.71 -3.76 -0.81
N ASN C 131 -17.20 -3.64 -2.04
CA ASN C 131 -18.26 -2.68 -2.35
C ASN C 131 -19.66 -3.25 -2.17
N SER C 132 -19.76 -4.56 -1.95
CA SER C 132 -21.04 -5.18 -1.67
C SER C 132 -20.85 -6.52 -0.96
N ALA C 133 -21.90 -6.98 -0.28
CA ALA C 133 -21.83 -8.24 0.44
C ALA C 133 -21.56 -9.42 -0.50
N LYS C 134 -22.13 -9.39 -1.68
CA LYS C 134 -21.91 -10.47 -2.60
C LYS C 134 -20.46 -10.59 -3.03
N GLU C 135 -19.80 -9.45 -3.16
CA GLU C 135 -18.44 -9.45 -3.65
C GLU C 135 -17.51 -10.00 -2.59
N ARG C 136 -17.79 -9.67 -1.36
CA ARG C 136 -17.06 -10.24 -0.24
C ARG C 136 -17.23 -11.75 -0.19
N THR C 137 -18.48 -12.21 -0.18
CA THR C 137 -18.77 -13.62 -0.19
C THR C 137 -18.00 -14.36 -1.29
N VAL C 138 -18.15 -13.88 -2.53
CA VAL C 138 -17.49 -14.51 -3.66
C VAL C 138 -15.97 -14.51 -3.51
N PHE C 139 -15.39 -13.34 -3.24
CA PHE C 139 -13.94 -13.28 -3.14
C PHE C 139 -13.37 -14.19 -2.06
N ILE C 140 -13.94 -14.13 -0.86
CA ILE C 140 -13.41 -14.92 0.26
C ILE C 140 -13.46 -16.43 -0.01
N LYS C 141 -14.55 -16.90 -0.60
CA LYS C 141 -14.69 -18.29 -0.91
C LYS C 141 -13.69 -18.70 -1.97
N SER C 142 -13.56 -17.87 -2.99
CA SER C 142 -12.57 -18.06 -4.03
C SER C 142 -11.16 -18.16 -3.44
N LEU C 143 -10.85 -17.26 -2.51
CA LEU C 143 -9.53 -17.21 -1.90
C LEU C 143 -9.19 -18.47 -1.12
N ILE C 144 -10.11 -18.90 -0.26
CA ILE C 144 -9.90 -20.06 0.60
C ILE C 144 -9.89 -21.38 -0.17
N THR C 145 -10.75 -21.53 -1.17
CA THR C 145 -10.73 -22.76 -1.95
C THR C 145 -9.44 -22.89 -2.74
N LEU C 146 -8.94 -21.75 -3.23
CA LEU C 146 -7.66 -21.75 -3.95
C LEU C 146 -6.53 -22.16 -3.02
N TYR C 147 -6.53 -21.59 -1.83
CA TYR C 147 -5.55 -21.95 -0.81
C TYR C 147 -5.54 -23.45 -0.56
N ILE C 148 -6.73 -24.03 -0.41
CA ILE C 148 -6.86 -25.45 -0.16
C ILE C 148 -6.31 -26.26 -1.34
N GLN C 149 -6.43 -25.70 -2.53
CA GLN C 149 -5.92 -26.32 -3.73
C GLN C 149 -4.41 -26.28 -3.82
N THR C 150 -3.78 -25.44 -3.02
CA THR C 150 -2.32 -25.38 -3.00
C THR C 150 -1.71 -26.47 -2.13
N PHE C 151 -2.54 -27.09 -1.29
CA PHE C 151 -2.06 -28.12 -0.38
C PHE C 151 -1.38 -29.24 -1.13
N GLU C 152 -0.29 -29.73 -0.56
CA GLU C 152 0.41 -30.89 -1.06
C GLU C 152 -0.10 -32.07 -0.28
N GLY C 153 -0.71 -33.03 -0.95
CA GLY C 153 -1.21 -34.20 -0.28
C GLY C 153 -2.38 -33.94 0.66
N HIS C 154 -2.53 -34.81 1.65
CA HIS C 154 -3.68 -34.80 2.56
C HIS C 154 -3.28 -34.29 3.95
N VAL C 155 -3.57 -33.02 4.21
CA VAL C 155 -3.15 -32.40 5.46
C VAL C 155 -4.27 -31.65 6.16
N PRO C 156 -5.33 -32.36 6.55
CA PRO C 156 -6.49 -31.77 7.22
C PRO C 156 -6.15 -31.25 8.60
N GLU C 157 -5.15 -31.85 9.23
CA GLU C 157 -4.79 -31.48 10.60
C GLU C 157 -4.28 -30.03 10.69
N LEU C 158 -3.82 -29.49 9.57
CA LEU C 158 -3.37 -28.09 9.57
C LEU C 158 -4.52 -27.10 9.44
N VAL C 159 -5.67 -27.58 8.97
CA VAL C 159 -6.81 -26.73 8.69
C VAL C 159 -7.61 -26.38 9.94
N ASN C 160 -7.88 -25.09 10.13
CA ASN C 160 -8.79 -24.63 11.16
C ASN C 160 -9.86 -23.73 10.53
N TRP C 161 -11.12 -23.95 10.88
CA TRP C 161 -12.20 -23.12 10.37
C TRP C 161 -13.45 -23.21 11.24
N ASP C 162 -14.50 -22.49 10.88
CA ASP C 162 -15.74 -22.53 11.63
C ASP C 162 -16.89 -23.02 10.75
N LEU C 163 -16.59 -23.95 9.87
CA LEU C 163 -17.54 -24.48 8.91
C LEU C 163 -18.40 -25.59 9.54
N SER C 164 -19.71 -25.54 9.30
CA SER C 164 -20.58 -26.64 9.73
C SER C 164 -21.45 -27.14 8.58
N LEU C 165 -21.48 -26.38 7.49
CA LEU C 165 -22.29 -26.75 6.33
C LEU C 165 -21.55 -26.53 5.03
N PHE C 166 -21.71 -27.48 4.11
CA PHE C 166 -21.07 -27.38 2.81
C PHE C 166 -21.99 -27.98 1.75
N TYR C 167 -22.25 -27.25 0.67
CA TYR C 167 -23.10 -27.77 -0.40
C TYR C 167 -22.84 -27.09 -1.74
N LEU C 168 -23.43 -27.65 -2.79
CA LEU C 168 -23.22 -27.21 -4.17
C LEU C 168 -24.42 -26.38 -4.66
N ASP C 169 -24.19 -25.11 -4.97
CA ASP C 169 -25.27 -24.29 -5.52
C ASP C 169 -25.59 -24.69 -6.96
N GLU C 170 -26.78 -24.32 -7.41
CA GLU C 170 -27.14 -24.43 -8.82
C GLU C 170 -26.85 -23.08 -9.47
N ARG C 171 -26.54 -23.06 -10.76
CA ARG C 171 -26.24 -21.79 -11.41
C ARG C 171 -27.49 -20.92 -11.59
N ASN D 6 -4.48 -40.50 22.32
CA ASN D 6 -3.54 -41.59 22.16
C ASN D 6 -4.19 -42.97 22.10
N PHE D 7 -5.04 -43.31 23.05
CA PHE D 7 -5.53 -44.66 22.99
C PHE D 7 -5.79 -45.03 21.55
N LEU D 8 -6.45 -44.11 20.85
CA LEU D 8 -7.05 -44.37 19.54
C LEU D 8 -6.06 -44.58 18.44
N ALA D 9 -5.02 -43.77 18.43
CA ALA D 9 -3.99 -43.83 17.42
C ALA D 9 -3.73 -45.28 17.07
N GLU D 10 -3.46 -46.08 18.08
CA GLU D 10 -3.17 -47.47 17.82
C GLU D 10 -4.29 -48.11 17.06
N GLN D 11 -5.45 -48.24 17.68
CA GLN D 11 -6.58 -48.82 16.99
C GLN D 11 -6.65 -48.24 15.60
N TYR D 12 -6.37 -46.96 15.53
CA TYR D 12 -6.46 -46.26 14.25
C TYR D 12 -5.49 -46.86 13.24
N GLU D 13 -4.24 -47.01 13.63
CA GLU D 13 -3.27 -47.63 12.75
C GLU D 13 -3.61 -49.09 12.57
N ARG D 14 -3.97 -49.77 13.64
CA ARG D 14 -4.39 -51.14 13.46
C ARG D 14 -5.42 -51.18 12.33
N ASP D 15 -6.45 -50.34 12.43
CA ASP D 15 -7.43 -50.26 11.36
C ASP D 15 -6.78 -49.94 10.02
N ARG D 16 -5.93 -48.93 10.01
CA ARG D 16 -5.36 -48.47 8.76
C ARG D 16 -4.64 -49.58 8.05
N LYS D 17 -3.66 -50.15 8.72
CA LYS D 17 -2.93 -51.24 8.12
C LYS D 17 -3.92 -52.30 7.67
N ALA D 18 -4.76 -52.74 8.57
CA ALA D 18 -5.72 -53.78 8.27
C ALA D 18 -6.48 -53.43 7.00
N ILE D 19 -6.84 -52.16 6.86
CA ILE D 19 -7.63 -51.69 5.73
C ILE D 19 -6.83 -51.74 4.42
N ILE D 20 -5.61 -51.23 4.46
CA ILE D 20 -4.75 -51.24 3.28
C ILE D 20 -4.35 -52.66 2.92
N ASN D 21 -3.86 -53.38 3.93
CA ASN D 21 -3.38 -54.75 3.76
C ASN D 21 -4.32 -55.69 3.01
N CYS D 22 -5.62 -55.52 3.24
CA CYS D 22 -6.62 -56.43 2.71
C CYS D 22 -7.72 -55.78 1.90
N CYS D 23 -7.54 -54.51 1.55
CA CYS D 23 -8.56 -53.79 0.78
C CYS D 23 -7.91 -52.88 -0.25
N PHE D 24 -6.59 -52.73 -0.12
CA PHE D 24 -5.82 -51.90 -1.02
C PHE D 24 -4.49 -52.53 -1.39
N SER D 25 -4.60 -53.73 -1.96
CA SER D 25 -3.47 -54.50 -2.50
C SER D 25 -4.02 -55.58 -3.43
N ARG D 26 -3.85 -55.38 -4.73
CA ARG D 26 -4.46 -56.25 -5.75
C ARG D 26 -5.84 -55.74 -6.12
N PRO D 35 -4.92 -51.78 -7.23
CA PRO D 35 -5.47 -51.37 -5.93
C PRO D 35 -5.34 -49.86 -5.73
N ASN D 36 -6.34 -49.27 -5.08
CA ASN D 36 -6.34 -47.84 -4.79
C ASN D 36 -5.40 -47.46 -3.66
N ASN D 37 -5.10 -46.16 -3.54
CA ASN D 37 -4.29 -45.65 -2.44
C ASN D 37 -5.16 -45.18 -1.28
N TYR D 38 -5.08 -45.88 -0.15
CA TYR D 38 -5.76 -45.44 1.06
C TYR D 38 -5.34 -44.03 1.43
N ILE D 39 -6.33 -43.18 1.72
CA ILE D 39 -6.08 -41.83 2.15
C ILE D 39 -6.35 -41.68 3.62
N THR D 40 -7.53 -42.12 4.03
CA THR D 40 -7.96 -41.97 5.40
C THR D 40 -9.31 -42.64 5.66
N HIS D 41 -9.64 -42.83 6.92
CA HIS D 41 -10.89 -43.43 7.28
C HIS D 41 -11.47 -42.85 8.56
N VAL D 42 -12.67 -43.26 8.91
CA VAL D 42 -13.29 -42.90 10.17
C VAL D 42 -14.29 -43.94 10.54
N ARG D 43 -14.40 -44.23 11.83
CA ARG D 43 -15.40 -45.18 12.28
C ARG D 43 -16.71 -44.44 12.50
N ILE D 44 -17.82 -45.05 12.07
CA ILE D 44 -19.12 -44.42 12.22
C ILE D 44 -20.14 -45.36 12.86
N ILE D 45 -21.19 -44.77 13.43
CA ILE D 45 -22.30 -45.54 13.95
C ILE D 45 -23.54 -45.26 13.12
N GLU D 46 -24.22 -46.33 12.73
CA GLU D 46 -25.37 -46.23 11.87
C GLU D 46 -26.61 -46.88 12.48
N ASP D 47 -27.66 -46.09 12.66
CA ASP D 47 -28.91 -46.57 13.21
C ASP D 47 -29.77 -47.13 12.10
N SER D 48 -30.21 -48.38 12.25
CA SER D 48 -30.89 -49.10 11.18
C SER D 48 -32.32 -48.60 10.94
N LYS D 49 -32.90 -48.00 11.97
CA LYS D 49 -34.24 -47.52 11.88
C LYS D 49 -34.30 -46.07 11.44
N PHE D 50 -33.19 -45.37 11.61
CA PHE D 50 -33.10 -43.99 11.22
C PHE D 50 -31.76 -43.75 10.51
N PRO D 51 -31.63 -44.27 9.32
CA PRO D 51 -30.38 -44.19 8.56
C PRO D 51 -30.22 -42.87 7.82
N SER D 52 -31.31 -42.15 7.58
CA SER D 52 -31.24 -40.93 6.79
CA SER D 52 -31.26 -40.94 6.79
C SER D 52 -31.55 -39.67 7.60
N SER D 53 -31.77 -39.83 8.90
CA SER D 53 -32.07 -38.71 9.77
C SER D 53 -31.75 -38.99 11.25
N ARG D 54 -31.75 -37.96 12.07
CA ARG D 54 -31.38 -38.12 13.45
C ARG D 54 -32.26 -39.12 14.18
N PRO D 55 -31.64 -40.15 14.75
CA PRO D 55 -32.35 -41.13 15.58
C PRO D 55 -32.87 -40.44 16.85
N PRO D 56 -33.99 -40.92 17.40
CA PRO D 56 -34.53 -40.34 18.63
C PRO D 56 -33.62 -40.69 19.79
N PRO D 57 -33.79 -40.07 20.94
CA PRO D 57 -33.00 -40.41 22.12
C PRO D 57 -33.10 -41.86 22.54
N ASP D 58 -31.97 -42.45 22.88
CA ASP D 58 -31.91 -43.84 23.30
C ASP D 58 -32.62 -44.83 22.37
N SER D 59 -32.34 -44.72 21.08
CA SER D 59 -32.79 -45.74 20.15
C SER D 59 -32.07 -46.99 20.60
N LYS D 60 -32.71 -48.13 20.47
CA LYS D 60 -32.12 -49.37 20.98
C LYS D 60 -30.72 -49.59 20.41
N LEU D 61 -29.84 -50.16 21.22
CA LEU D 61 -28.45 -50.39 20.81
C LEU D 61 -28.37 -51.47 19.73
N GLU D 62 -29.42 -52.28 19.65
CA GLU D 62 -29.51 -53.32 18.63
C GLU D 62 -29.74 -52.69 17.26
N ASN D 63 -30.07 -51.42 17.25
CA ASN D 63 -30.28 -50.68 16.02
C ASN D 63 -29.02 -49.97 15.62
N LYS D 64 -28.03 -50.01 16.48
CA LYS D 64 -26.77 -49.34 16.23
C LYS D 64 -25.75 -50.30 15.62
N LYS D 65 -25.46 -50.08 14.34
CA LYS D 65 -24.47 -50.90 13.66
C LYS D 65 -23.17 -50.14 13.57
N LYS D 66 -22.06 -50.84 13.77
CA LYS D 66 -20.75 -50.21 13.65
C LYS D 66 -20.26 -50.35 12.23
N ARG D 67 -19.88 -49.24 11.63
CA ARG D 67 -19.40 -49.24 10.26
C ARG D 67 -18.15 -48.37 10.13
N LEU D 68 -17.67 -48.21 8.89
CA LEU D 68 -16.52 -47.35 8.58
C LEU D 68 -16.78 -46.55 7.31
N LEU D 69 -16.20 -45.36 7.26
CA LEU D 69 -16.11 -44.59 6.03
C LEU D 69 -14.65 -44.54 5.60
N ILE D 70 -14.38 -44.87 4.35
CA ILE D 70 -13.01 -44.91 3.84
C ILE D 70 -12.85 -44.03 2.62
N LEU D 71 -11.76 -43.27 2.57
CA LEU D 71 -11.44 -42.49 1.39
C LEU D 71 -10.15 -43.01 0.77
N SER D 72 -10.18 -43.25 -0.55
CA SER D 72 -9.01 -43.68 -1.28
C SER D 72 -8.94 -42.95 -2.62
N ALA D 73 -7.87 -43.19 -3.37
CA ALA D 73 -7.68 -42.56 -4.68
C ALA D 73 -7.17 -43.57 -5.71
N LYS D 74 -7.47 -43.33 -6.98
CA LYS D 74 -6.94 -44.19 -8.05
C LYS D 74 -5.43 -44.14 -8.11
N PRO D 75 -4.82 -45.25 -8.50
CA PRO D 75 -3.36 -45.36 -8.50
C PRO D 75 -2.70 -44.37 -9.47
N ASN D 76 -3.34 -44.15 -10.60
CA ASN D 76 -2.75 -43.31 -11.63
C ASN D 76 -3.22 -41.88 -11.52
N ASN D 77 -4.15 -41.63 -10.63
CA ASN D 77 -4.77 -40.34 -10.56
C ASN D 77 -5.11 -40.02 -9.10
N ALA D 78 -4.38 -39.09 -8.52
CA ALA D 78 -4.54 -38.72 -7.12
C ALA D 78 -5.69 -37.75 -6.91
N LYS D 79 -6.29 -37.29 -8.00
CA LYS D 79 -7.42 -36.41 -7.97
C LYS D 79 -8.67 -37.20 -8.24
N LEU D 80 -8.58 -38.49 -8.00
CA LEU D 80 -9.70 -39.37 -8.25
C LEU D 80 -10.02 -40.17 -7.03
N ILE D 81 -10.69 -39.54 -6.08
CA ILE D 81 -10.96 -40.14 -4.79
C ILE D 81 -12.33 -40.78 -4.74
N GLN D 82 -12.44 -41.84 -3.96
CA GLN D 82 -13.70 -42.55 -3.79
C GLN D 82 -14.09 -42.64 -2.32
N ILE D 83 -15.40 -42.69 -2.05
CA ILE D 83 -15.91 -42.95 -0.71
C ILE D 83 -16.39 -44.39 -0.62
N HIS D 84 -15.93 -45.12 0.38
CA HIS D 84 -16.39 -46.48 0.62
C HIS D 84 -16.98 -46.63 2.01
N LYS D 85 -18.07 -47.37 2.11
CA LYS D 85 -18.57 -47.82 3.39
C LYS D 85 -18.05 -49.22 3.64
N ALA D 86 -17.87 -49.58 4.90
CA ALA D 86 -17.36 -50.89 5.22
C ALA D 86 -17.65 -51.29 6.65
N ARG D 87 -17.36 -52.54 6.98
CA ARG D 87 -17.54 -53.03 8.33
C ARG D 87 -16.39 -53.92 8.73
N GLU D 88 -16.36 -54.31 9.99
CA GLU D 88 -15.47 -55.34 10.48
C GLU D 88 -16.20 -56.67 10.62
N ASN D 89 -15.84 -57.61 9.76
CA ASN D 89 -16.39 -58.91 9.87
C ASN D 89 -15.94 -59.38 11.24
N SER D 90 -15.96 -60.67 11.51
CA SER D 90 -15.72 -61.14 12.87
C SER D 90 -14.28 -61.48 13.12
N ASP D 91 -13.64 -62.14 12.17
CA ASP D 91 -12.26 -62.50 12.33
C ASP D 91 -11.43 -61.25 12.65
N GLY D 92 -11.60 -60.25 11.79
CA GLY D 92 -10.81 -59.05 11.82
C GLY D 92 -10.77 -58.69 10.36
N SER D 93 -11.54 -59.43 9.61
CA SER D 93 -11.63 -59.15 8.20
C SER D 93 -12.43 -57.85 8.01
N PHE D 94 -12.06 -57.09 7.00
CA PHE D 94 -12.78 -55.89 6.59
C PHE D 94 -13.36 -56.08 5.19
N GLN D 95 -14.60 -55.64 5.01
CA GLN D 95 -15.25 -55.80 3.73
C GLN D 95 -15.99 -54.56 3.23
N ILE D 96 -15.51 -53.98 2.14
CA ILE D 96 -16.11 -52.80 1.55
C ILE D 96 -17.44 -53.14 0.89
N GLY D 97 -18.48 -52.40 1.23
CA GLY D 97 -19.76 -52.52 0.54
C GLY D 97 -19.88 -51.41 -0.49
N ARG D 98 -20.76 -50.46 -0.21
CA ARG D 98 -20.96 -49.28 -1.04
C ARG D 98 -19.66 -48.59 -1.46
N THR D 99 -19.63 -48.08 -2.70
CA THR D 99 -18.55 -47.22 -3.15
C THR D 99 -19.05 -46.10 -4.05
N TRP D 100 -18.94 -44.88 -3.56
CA TRP D 100 -19.27 -43.68 -4.32
C TRP D 100 -17.99 -43.03 -4.81
N GLN D 101 -18.10 -42.21 -5.84
CA GLN D 101 -17.02 -41.33 -6.18
C GLN D 101 -17.21 -40.06 -5.37
N LEU D 102 -16.11 -39.44 -4.98
CA LEU D 102 -16.22 -38.25 -4.12
C LEU D 102 -16.97 -37.14 -4.86
N THR D 103 -16.97 -37.22 -6.18
CA THR D 103 -17.67 -36.27 -7.03
C THR D 103 -19.18 -36.38 -6.87
N GLU D 104 -19.63 -37.44 -6.20
CA GLU D 104 -21.06 -37.65 -5.96
C GLU D 104 -21.54 -36.95 -4.70
N LEU D 105 -20.62 -36.39 -3.93
CA LEU D 105 -20.99 -35.70 -2.70
C LEU D 105 -21.54 -34.33 -3.06
N VAL D 106 -22.73 -34.01 -2.57
CA VAL D 106 -23.35 -32.72 -2.87
C VAL D 106 -23.67 -31.90 -1.61
N ARG D 107 -23.62 -32.54 -0.44
CA ARG D 107 -23.87 -31.80 0.79
C ARG D 107 -23.26 -32.48 2.01
N VAL D 108 -22.62 -31.66 2.85
CA VAL D 108 -22.07 -32.14 4.10
C VAL D 108 -22.62 -31.26 5.21
N GLU D 109 -23.28 -31.88 6.19
CA GLU D 109 -23.93 -31.11 7.23
C GLU D 109 -23.69 -31.67 8.64
N LYS D 110 -23.11 -30.87 9.52
CA LYS D 110 -23.00 -31.24 10.92
C LYS D 110 -24.36 -31.11 11.60
N ASP D 111 -24.68 -32.06 12.47
CA ASP D 111 -25.89 -31.98 13.26
C ASP D 111 -25.65 -30.97 14.39
N LEU D 112 -26.38 -29.87 14.36
CA LEU D 112 -26.17 -28.81 15.35
C LEU D 112 -26.56 -29.22 16.77
N GLU D 113 -27.38 -30.26 16.90
CA GLU D 113 -27.85 -30.67 18.22
C GLU D 113 -27.09 -31.86 18.80
N ILE D 114 -26.45 -32.65 17.94
CA ILE D 114 -25.68 -33.81 18.38
C ILE D 114 -24.24 -33.72 17.87
N SER D 115 -23.28 -33.69 18.79
CA SER D 115 -21.90 -33.36 18.48
C SER D 115 -21.17 -34.43 17.66
N GLU D 116 -21.74 -35.62 17.62
CA GLU D 116 -21.12 -36.72 16.91
C GLU D 116 -21.78 -36.93 15.54
N GLY D 117 -22.93 -36.29 15.35
CA GLY D 117 -23.75 -36.53 14.18
C GLY D 117 -23.50 -35.66 12.96
N PHE D 118 -23.71 -36.25 11.79
CA PHE D 118 -23.55 -35.54 10.53
C PHE D 118 -24.31 -36.24 9.41
N ILE D 119 -24.65 -35.48 8.39
CA ILE D 119 -25.38 -36.00 7.25
C ILE D 119 -24.58 -35.78 5.96
N LEU D 120 -24.33 -36.87 5.24
CA LEU D 120 -23.76 -36.78 3.91
C LEU D 120 -24.87 -36.99 2.89
N THR D 121 -24.87 -36.19 1.82
CA THR D 121 -25.83 -36.41 0.75
C THR D 121 -25.13 -36.76 -0.56
N MSE D 122 -25.36 -37.97 -1.05
CA MSE D 122 -24.97 -38.35 -2.39
C MSE D 122 -26.11 -38.45 -3.41
O MSE D 122 -26.34 -37.53 -4.18
CB MSE D 122 -24.28 -39.72 -2.42
CG MSE D 122 -22.90 -39.75 -1.75
SE MSE D 122 -22.97 -39.42 0.16
CE MSE D 122 -21.84 -40.88 0.81
N SER D 123 -26.84 -39.57 -3.40
CA SER D 123 -28.03 -39.66 -4.26
C SER D 123 -29.16 -39.63 -3.24
N LYS D 124 -28.82 -39.88 -1.97
CA LYS D 124 -29.76 -39.71 -0.87
C LYS D 124 -29.03 -39.28 0.41
N LYS D 125 -29.77 -39.10 1.49
CA LYS D 125 -29.21 -38.62 2.75
C LYS D 125 -28.81 -39.75 3.68
N TYR D 126 -27.60 -39.65 4.24
CA TYR D 126 -27.12 -40.64 5.18
C TYR D 126 -26.76 -39.95 6.48
N TYR D 127 -27.42 -40.31 7.57
CA TYR D 127 -27.05 -39.79 8.88
C TYR D 127 -26.13 -40.78 9.57
N TRP D 128 -24.97 -40.30 10.00
CA TRP D 128 -24.06 -41.11 10.80
C TRP D 128 -23.61 -40.34 12.03
N GLU D 129 -23.11 -41.07 13.02
CA GLU D 129 -22.41 -40.48 14.15
C GLU D 129 -21.00 -41.03 14.17
N THR D 130 -20.04 -40.20 14.51
CA THR D 130 -18.70 -40.69 14.80
C THR D 130 -18.68 -41.11 16.26
N ASN D 131 -17.55 -41.63 16.72
CA ASN D 131 -17.45 -42.01 18.12
C ASN D 131 -17.18 -40.83 19.05
N SER D 132 -16.67 -39.75 18.49
CA SER D 132 -16.42 -38.54 19.27
C SER D 132 -16.59 -37.28 18.43
N ALA D 133 -16.72 -36.13 19.11
CA ALA D 133 -16.89 -34.87 18.42
C ALA D 133 -15.62 -34.48 17.66
N LYS D 134 -14.47 -34.83 18.20
CA LYS D 134 -13.22 -34.54 17.52
C LYS D 134 -13.13 -35.32 16.21
N GLU D 135 -13.56 -36.56 16.21
CA GLU D 135 -13.50 -37.39 15.01
C GLU D 135 -14.42 -36.88 13.89
N ARG D 136 -15.58 -36.33 14.26
CA ARG D 136 -16.45 -35.72 13.25
C ARG D 136 -15.71 -34.56 12.60
N THR D 137 -15.17 -33.68 13.43
CA THR D 137 -14.45 -32.50 12.99
C THR D 137 -13.36 -32.86 12.00
N VAL D 138 -12.52 -33.81 12.38
CA VAL D 138 -11.38 -34.24 11.59
C VAL D 138 -11.83 -34.82 10.25
N PHE D 139 -12.82 -35.71 10.31
CA PHE D 139 -13.27 -36.39 9.10
C PHE D 139 -13.88 -35.41 8.09
N ILE D 140 -14.65 -34.44 8.59
CA ILE D 140 -15.30 -33.49 7.71
C ILE D 140 -14.26 -32.60 7.01
N LYS D 141 -13.18 -32.26 7.71
CA LYS D 141 -12.08 -31.54 7.10
C LYS D 141 -11.47 -32.37 5.95
N SER D 142 -11.13 -33.63 6.24
CA SER D 142 -10.66 -34.52 5.18
C SER D 142 -11.60 -34.48 3.98
N LEU D 143 -12.87 -34.72 4.26
CA LEU D 143 -13.86 -34.90 3.21
C LEU D 143 -13.95 -33.66 2.32
N ILE D 144 -14.07 -32.49 2.93
CA ILE D 144 -14.26 -31.25 2.18
C ILE D 144 -13.00 -30.72 1.51
N THR D 145 -11.84 -30.85 2.14
CA THR D 145 -10.60 -30.41 1.49
C THR D 145 -10.30 -31.31 0.29
N LEU D 146 -10.50 -32.61 0.46
CA LEU D 146 -10.33 -33.56 -0.64
C LEU D 146 -11.26 -33.20 -1.80
N TYR D 147 -12.52 -32.96 -1.49
CA TYR D 147 -13.48 -32.58 -2.53
C TYR D 147 -12.97 -31.40 -3.33
N ILE D 148 -12.59 -30.34 -2.64
CA ILE D 148 -12.10 -29.12 -3.28
C ILE D 148 -10.85 -29.40 -4.11
N GLN D 149 -10.09 -30.40 -3.70
CA GLN D 149 -8.84 -30.72 -4.38
C GLN D 149 -9.03 -31.62 -5.61
N THR D 150 -10.19 -32.27 -5.73
CA THR D 150 -10.45 -33.11 -6.89
C THR D 150 -10.55 -32.27 -8.15
N PHE D 151 -10.63 -30.97 -8.01
CA PHE D 151 -10.62 -30.16 -9.22
C PHE D 151 -9.19 -30.01 -9.73
N GLU D 152 -9.02 -30.00 -11.04
CA GLU D 152 -7.69 -29.78 -11.56
C GLU D 152 -7.55 -28.33 -11.94
N GLY D 153 -8.60 -27.78 -12.52
CA GLY D 153 -8.66 -26.35 -12.73
C GLY D 153 -9.04 -25.76 -11.40
N HIS D 154 -9.58 -24.55 -11.40
CA HIS D 154 -10.01 -23.98 -10.15
C HIS D 154 -11.37 -24.52 -9.81
N VAL D 155 -11.79 -24.24 -8.58
CA VAL D 155 -13.07 -24.68 -8.07
C VAL D 155 -14.19 -23.80 -8.62
N PRO D 156 -15.25 -24.44 -9.14
CA PRO D 156 -16.43 -23.69 -9.61
C PRO D 156 -16.95 -22.76 -8.51
N GLU D 157 -17.49 -21.62 -8.91
CA GLU D 157 -18.06 -20.68 -7.96
C GLU D 157 -19.29 -21.26 -7.27
N LEU D 158 -19.78 -22.38 -7.80
CA LEU D 158 -21.02 -22.99 -7.30
C LEU D 158 -20.90 -23.66 -5.94
N VAL D 159 -19.75 -24.29 -5.67
CA VAL D 159 -19.56 -24.91 -4.37
C VAL D 159 -19.73 -23.83 -3.30
N ASN D 160 -20.41 -24.18 -2.23
CA ASN D 160 -20.78 -23.22 -1.20
C ASN D 160 -20.66 -23.78 0.21
N TRP D 161 -20.66 -22.90 1.21
CA TRP D 161 -20.52 -23.30 2.61
C TRP D 161 -20.87 -22.13 3.52
N ASP D 162 -20.88 -22.38 4.83
CA ASP D 162 -21.15 -21.33 5.82
C ASP D 162 -19.88 -20.89 6.54
N LEU D 163 -18.73 -21.04 5.90
CA LEU D 163 -17.47 -20.72 6.54
C LEU D 163 -17.28 -19.20 6.68
N SER D 164 -16.82 -18.76 7.85
CA SER D 164 -16.51 -17.35 8.07
C SER D 164 -15.06 -17.10 8.47
N LEU D 165 -14.38 -18.14 8.95
CA LEU D 165 -13.01 -18.02 9.46
C LEU D 165 -12.18 -19.21 9.01
N PHE D 166 -10.92 -18.96 8.70
CA PHE D 166 -10.02 -19.98 8.18
C PHE D 166 -8.58 -19.60 8.49
N TYR D 167 -7.81 -20.55 9.02
CA TYR D 167 -6.39 -20.35 9.26
C TYR D 167 -5.65 -21.68 9.37
N LEU D 168 -4.34 -21.64 9.09
CA LEU D 168 -3.53 -22.85 9.08
C LEU D 168 -2.53 -22.90 10.24
N ASP D 169 -2.35 -24.08 10.81
CA ASP D 169 -1.26 -24.31 11.76
C ASP D 169 0.03 -24.61 11.01
N GLU D 170 1.15 -24.36 11.66
CA GLU D 170 2.43 -24.78 11.13
C GLU D 170 2.52 -26.30 11.27
N ARG D 171 3.21 -26.93 10.32
CA ARG D 171 3.51 -28.36 10.38
C ARG D 171 4.10 -28.76 11.73
P PO4 E . -7.07 42.08 -12.88
O1 PO4 E . -6.99 43.32 -13.66
O2 PO4 E . -7.06 40.97 -13.83
O3 PO4 E . -5.89 42.08 -12.03
O4 PO4 E . -8.27 41.99 -12.04
P PO4 F . 28.83 7.85 12.71
O1 PO4 F . 29.32 9.15 13.17
O2 PO4 F . 29.59 7.59 11.49
O3 PO4 F . 29.07 6.86 13.77
O4 PO4 F . 27.41 7.91 12.39
#